data_4GCK
#
_entry.id   4GCK
#
_cell.length_a   71.490
_cell.length_b   80.750
_cell.length_c   201.300
_cell.angle_alpha   90.00
_cell.angle_beta   90.00
_cell.angle_gamma   90.00
#
_symmetry.space_group_name_H-M   'P 21 21 21'
#
loop_
_entity.id
_entity.type
_entity.pdbx_description
1 polymer 'Nucleoid occlusion factor SlmA'
2 polymer "DNA (5'-D(*GP*TP*GP*AP*GP*TP*AP*CP*TP*CP*AP*C)-3')"
3 water water
#
loop_
_entity_poly.entity_id
_entity_poly.type
_entity_poly.pdbx_seq_one_letter_code
_entity_poly.pdbx_strand_id
1 'polypeptide(L)'
;MPPGKCLFSGVFCNMAEKQTAKRNRREEILQSLALMLESSDGSQRITTAKLAASVGVSEAALYRHFPSKTRMFDSLIEFI
EDSLITRINLILKDEKDTTARLRLIVLLILGFGERNPGLTRILTGHALMFEQDRLQGRINQLFERIEVQLRQVMREKKMR
EGEGYTLDETLLASQLLAFCEGMLSRFVRSEFKYRPTDDFEARWPLVAAQLQ
;
A,B,C,D
2 'polydeoxyribonucleotide' (DG)(DT)(DG)(DA)(DG)(DT)(DA)(DC)(DT)(DC)(DA)(DC) W,Z
#
# COMPACT_ATOMS: atom_id res chain seq x y z
N ARG A 23 -15.45 18.58 12.75
CA ARG A 23 -16.44 19.13 13.72
C ARG A 23 -17.23 17.99 14.32
N ASN A 24 -18.56 18.14 14.28
CA ASN A 24 -19.44 17.12 14.80
C ASN A 24 -19.28 15.96 13.83
N ARG A 25 -18.74 16.26 12.64
CA ARG A 25 -18.54 15.25 11.60
C ARG A 25 -17.41 14.26 11.93
N ARG A 26 -16.31 14.78 12.48
CA ARG A 26 -15.20 13.93 12.86
C ARG A 26 -15.69 13.05 14.02
N GLU A 27 -16.18 13.70 15.07
CA GLU A 27 -16.70 13.02 16.25
C GLU A 27 -17.84 12.09 15.87
N GLU A 28 -18.61 12.49 14.88
CA GLU A 28 -19.72 11.69 14.40
C GLU A 28 -19.19 10.36 13.87
N ILE A 29 -18.20 10.41 12.98
CA ILE A 29 -17.64 9.19 12.43
C ILE A 29 -17.21 8.27 13.58
N LEU A 30 -16.51 8.85 14.55
CA LEU A 30 -16.04 8.11 15.71
C LEU A 30 -17.18 7.47 16.48
N GLN A 31 -18.26 8.22 16.63
CA GLN A 31 -19.42 7.72 17.34
C GLN A 31 -20.03 6.55 16.59
N SER A 32 -20.07 6.64 15.26
CA SER A 32 -20.64 5.53 14.49
C SER A 32 -19.74 4.32 14.58
N LEU A 33 -18.42 4.54 14.66
CA LEU A 33 -17.47 3.42 14.76
C LEU A 33 -17.67 2.67 16.10
N ALA A 34 -17.82 3.42 17.18
CA ALA A 34 -18.04 2.79 18.50
C ALA A 34 -19.33 1.96 18.49
N LEU A 35 -20.39 2.52 17.90
CA LEU A 35 -21.68 1.82 17.79
C LEU A 35 -21.61 0.54 17.00
N MET A 36 -20.82 0.52 15.94
CA MET A 36 -20.75 -0.69 15.14
C MET A 36 -19.97 -1.71 15.95
N LEU A 37 -19.00 -1.21 16.71
CA LEU A 37 -18.19 -2.05 17.55
C LEU A 37 -19.13 -2.68 18.62
N GLU A 38 -20.02 -1.86 19.17
CA GLU A 38 -20.96 -2.36 20.17
C GLU A 38 -21.97 -3.35 19.59
N SER A 39 -22.37 -3.11 18.34
CA SER A 39 -23.34 -3.95 17.63
C SER A 39 -22.81 -5.32 17.28
N SER A 40 -23.66 -6.16 16.69
CA SER A 40 -23.22 -7.50 16.32
C SER A 40 -22.17 -7.45 15.19
N ASP A 41 -22.09 -6.31 14.50
CA ASP A 41 -21.11 -6.14 13.42
C ASP A 41 -19.68 -6.07 13.99
N GLY A 42 -19.58 -5.77 15.29
CA GLY A 42 -18.29 -5.65 15.96
C GLY A 42 -17.47 -6.91 16.04
N SER A 43 -18.08 -8.06 15.79
CA SER A 43 -17.36 -9.32 15.81
C SER A 43 -16.69 -9.53 14.44
N GLN A 44 -16.99 -8.61 13.50
CA GLN A 44 -16.41 -8.66 12.16
C GLN A 44 -15.59 -7.40 11.86
N ARG A 45 -14.78 -7.44 10.81
CA ARG A 45 -13.98 -6.26 10.49
C ARG A 45 -14.86 -5.10 10.09
N ILE A 46 -14.49 -3.91 10.55
CA ILE A 46 -15.27 -2.75 10.21
C ILE A 46 -14.69 -2.12 8.95
N THR A 47 -15.14 -2.61 7.79
CA THR A 47 -14.66 -2.10 6.51
C THR A 47 -15.04 -0.63 6.36
N THR A 48 -14.32 0.09 5.51
CA THR A 48 -14.60 1.49 5.27
C THR A 48 -15.97 1.58 4.62
N ALA A 49 -16.32 0.58 3.81
CA ALA A 49 -17.62 0.51 3.15
C ALA A 49 -18.72 0.46 4.22
N LYS A 50 -18.63 -0.53 5.11
CA LYS A 50 -19.62 -0.65 6.18
C LYS A 50 -19.63 0.59 7.10
N LEU A 51 -18.46 1.12 7.47
CA LEU A 51 -18.45 2.31 8.33
C LEU A 51 -19.07 3.53 7.63
N ALA A 52 -18.82 3.64 6.34
CA ALA A 52 -19.36 4.76 5.59
C ALA A 52 -20.88 4.64 5.50
N ALA A 53 -21.38 3.42 5.24
CA ALA A 53 -22.82 3.20 5.12
C ALA A 53 -23.49 3.58 6.42
N SER A 54 -22.87 3.19 7.53
CA SER A 54 -23.42 3.49 8.83
C SER A 54 -23.42 4.99 9.15
N VAL A 55 -22.43 5.72 8.65
CA VAL A 55 -22.39 7.16 8.89
C VAL A 55 -23.37 7.92 7.97
N GLY A 56 -23.79 7.29 6.87
CA GLY A 56 -24.69 7.97 5.95
C GLY A 56 -23.96 8.75 4.85
N VAL A 57 -22.62 8.63 4.79
CA VAL A 57 -21.81 9.34 3.79
C VAL A 57 -21.01 8.37 2.90
N SER A 58 -20.21 8.93 2.00
CA SER A 58 -19.40 8.07 1.14
C SER A 58 -18.04 7.80 1.78
N GLU A 59 -17.43 6.73 1.33
CA GLU A 59 -16.13 6.31 1.80
C GLU A 59 -15.17 7.51 1.77
N ALA A 60 -15.18 8.23 0.66
CA ALA A 60 -14.33 9.40 0.49
C ALA A 60 -14.56 10.39 1.63
N ALA A 61 -15.82 10.63 1.98
CA ALA A 61 -16.17 11.57 3.04
C ALA A 61 -15.37 11.26 4.30
N LEU A 62 -15.18 9.99 4.57
CA LEU A 62 -14.42 9.56 5.73
C LEU A 62 -13.00 10.12 5.73
N TYR A 63 -12.35 10.11 4.55
CA TYR A 63 -10.96 10.60 4.39
C TYR A 63 -10.75 12.10 4.43
N ARG A 64 -11.85 12.87 4.46
CA ARG A 64 -11.72 14.30 4.57
C ARG A 64 -11.42 14.56 6.05
N HIS A 65 -11.77 13.59 6.88
CA HIS A 65 -11.58 13.77 8.30
C HIS A 65 -10.50 12.93 8.94
N PHE A 66 -10.08 11.88 8.25
CA PHE A 66 -9.04 11.02 8.78
C PHE A 66 -8.20 10.58 7.60
N PRO A 67 -6.90 10.43 7.81
CA PRO A 67 -6.00 9.99 6.75
C PRO A 67 -6.12 8.48 6.56
N SER A 68 -6.53 7.79 7.64
CA SER A 68 -6.64 6.32 7.66
C SER A 68 -7.60 5.77 8.71
N LYS A 69 -8.03 4.53 8.52
CA LYS A 69 -8.90 3.87 9.48
C LYS A 69 -8.06 3.69 10.75
N THR A 70 -6.77 3.42 10.57
CA THR A 70 -5.89 3.25 11.72
C THR A 70 -6.06 4.45 12.66
N ARG A 71 -6.15 5.63 12.07
CA ARG A 71 -6.30 6.87 12.83
C ARG A 71 -7.54 6.95 13.63
N MET A 72 -8.63 6.41 13.09
CA MET A 72 -9.89 6.43 13.82
C MET A 72 -9.74 5.59 15.10
N PHE A 73 -9.09 4.41 15.01
CA PHE A 73 -8.89 3.59 16.20
C PHE A 73 -7.97 4.30 17.18
N ASP A 74 -6.93 4.97 16.65
CA ASP A 74 -6.01 5.75 17.51
C ASP A 74 -6.83 6.77 18.31
N SER A 75 -7.74 7.48 17.65
CA SER A 75 -8.57 8.48 18.33
C SER A 75 -9.46 7.82 19.36
N LEU A 76 -9.97 6.65 19.04
CA LEU A 76 -10.81 5.97 19.98
C LEU A 76 -9.93 5.59 21.18
N ILE A 77 -8.72 5.10 20.92
CA ILE A 77 -7.83 4.71 22.01
C ILE A 77 -7.42 5.92 22.85
N GLU A 78 -7.19 7.05 22.21
CA GLU A 78 -6.87 8.27 22.94
C GLU A 78 -7.99 8.62 23.91
N PHE A 79 -9.23 8.53 23.42
CA PHE A 79 -10.40 8.82 24.25
C PHE A 79 -10.48 7.86 25.47
N ILE A 80 -10.15 6.58 25.26
CA ILE A 80 -10.18 5.58 26.34
C ILE A 80 -9.12 5.89 27.39
N GLU A 81 -7.91 6.18 26.93
CA GLU A 81 -6.82 6.50 27.83
C GLU A 81 -7.16 7.77 28.60
N ASP A 82 -7.58 8.81 27.86
CA ASP A 82 -7.90 10.05 28.54
C ASP A 82 -8.99 9.84 29.58
N SER A 83 -10.09 9.18 29.19
CA SER A 83 -11.17 8.96 30.13
C SER A 83 -10.68 8.24 31.38
N LEU A 84 -10.02 7.11 31.20
CA LEU A 84 -9.56 6.36 32.35
C LEU A 84 -8.49 7.05 33.17
N ILE A 85 -7.45 7.59 32.53
CA ILE A 85 -6.39 8.24 33.30
C ILE A 85 -6.90 9.47 34.04
N THR A 86 -7.76 10.26 33.40
CA THR A 86 -8.27 11.46 34.03
C THR A 86 -9.13 11.13 35.24
N ARG A 87 -9.95 10.09 35.13
CA ARG A 87 -10.79 9.75 36.26
C ARG A 87 -10.00 9.06 37.35
N ILE A 88 -8.92 8.37 36.98
CA ILE A 88 -8.11 7.72 38.00
C ILE A 88 -7.50 8.83 38.88
N ASN A 89 -6.95 9.87 38.27
CA ASN A 89 -6.37 10.98 39.04
C ASN A 89 -7.46 11.63 39.92
N LEU A 90 -8.67 11.74 39.38
CA LEU A 90 -9.75 12.32 40.15
C LEU A 90 -9.96 11.50 41.41
N ILE A 91 -9.96 10.19 41.26
CA ILE A 91 -10.14 9.31 42.41
C ILE A 91 -9.00 9.52 43.42
N LEU A 92 -7.78 9.59 42.94
CA LEU A 92 -6.63 9.76 43.83
C LEU A 92 -6.66 11.07 44.62
N LYS A 93 -7.20 12.12 44.04
CA LYS A 93 -7.23 13.37 44.76
C LYS A 93 -8.40 13.46 45.72
N ASP A 94 -9.52 12.85 45.37
CA ASP A 94 -10.70 12.90 46.24
C ASP A 94 -10.74 11.87 47.36
N GLU A 95 -10.24 10.66 47.07
CA GLU A 95 -10.28 9.57 48.03
C GLU A 95 -8.89 9.26 48.51
N LYS A 96 -8.68 9.27 49.83
CA LYS A 96 -7.34 9.03 50.33
C LYS A 96 -7.15 7.65 50.93
N ASP A 97 -8.26 6.95 51.16
CA ASP A 97 -8.14 5.61 51.69
C ASP A 97 -7.66 4.66 50.59
N THR A 98 -6.54 3.98 50.85
CA THR A 98 -5.95 3.05 49.91
C THR A 98 -6.90 2.00 49.36
N THR A 99 -7.59 1.27 50.23
CA THR A 99 -8.49 0.24 49.75
C THR A 99 -9.65 0.84 48.97
N ALA A 100 -10.14 2.00 49.42
CA ALA A 100 -11.23 2.70 48.74
C ALA A 100 -10.76 3.11 47.35
N ARG A 101 -9.50 3.52 47.28
CA ARG A 101 -8.90 3.91 46.02
C ARG A 101 -8.91 2.75 45.01
N LEU A 102 -8.39 1.61 45.47
CA LEU A 102 -8.34 0.39 44.68
C LEU A 102 -9.75 0.00 44.17
N ARG A 103 -10.71 -0.04 45.10
CA ARG A 103 -12.08 -0.37 44.77
C ARG A 103 -12.63 0.56 43.68
N LEU A 104 -12.44 1.86 43.86
CA LEU A 104 -12.93 2.84 42.89
C LEU A 104 -12.26 2.74 41.52
N ILE A 105 -10.95 2.51 41.49
CA ILE A 105 -10.30 2.36 40.19
C ILE A 105 -10.85 1.10 39.45
N VAL A 106 -11.06 0.00 40.18
CA VAL A 106 -11.57 -1.22 39.55
C VAL A 106 -13.00 -0.98 39.08
N LEU A 107 -13.81 -0.36 39.94
CA LEU A 107 -15.19 -0.06 39.58
C LEU A 107 -15.20 0.87 38.35
N LEU A 108 -14.30 1.84 38.30
CA LEU A 108 -14.23 2.78 37.17
C LEU A 108 -13.93 2.06 35.85
N ILE A 109 -13.03 1.08 35.90
CA ILE A 109 -12.67 0.35 34.71
C ILE A 109 -13.86 -0.46 34.21
N LEU A 110 -14.52 -1.18 35.13
CA LEU A 110 -15.66 -2.02 34.76
C LEU A 110 -16.82 -1.14 34.32
N GLY A 111 -17.04 -0.06 35.04
CA GLY A 111 -18.10 0.86 34.70
C GLY A 111 -17.84 1.48 33.34
N PHE A 112 -16.60 1.94 33.12
CA PHE A 112 -16.29 2.53 31.82
C PHE A 112 -16.54 1.53 30.70
N GLY A 113 -16.14 0.26 30.91
CA GLY A 113 -16.32 -0.74 29.87
C GLY A 113 -17.79 -1.00 29.60
N GLU A 114 -18.55 -1.14 30.68
CA GLU A 114 -19.97 -1.42 30.56
C GLU A 114 -20.73 -0.29 29.83
N ARG A 115 -20.35 0.95 30.11
CA ARG A 115 -20.96 2.14 29.52
C ARG A 115 -20.62 2.27 28.01
N ASN A 116 -19.48 1.70 27.62
CA ASN A 116 -18.97 1.73 26.24
C ASN A 116 -18.63 0.33 25.76
N PRO A 117 -19.64 -0.47 25.35
CA PRO A 117 -19.30 -1.83 24.90
C PRO A 117 -18.39 -1.91 23.70
N GLY A 118 -18.58 -1.01 22.73
CA GLY A 118 -17.73 -1.00 21.54
C GLY A 118 -16.26 -0.77 21.88
N LEU A 119 -15.99 0.16 22.80
CA LEU A 119 -14.61 0.46 23.21
C LEU A 119 -14.02 -0.70 24.03
N THR A 120 -14.88 -1.43 24.74
CA THR A 120 -14.45 -2.55 25.51
C THR A 120 -13.86 -3.57 24.51
N ARG A 121 -14.54 -3.70 23.38
CA ARG A 121 -14.11 -4.61 22.33
C ARG A 121 -12.68 -4.25 21.86
N ILE A 122 -12.32 -2.97 22.02
CA ILE A 122 -10.97 -2.49 21.68
C ILE A 122 -10.06 -2.82 22.86
N LEU A 123 -10.56 -2.56 24.08
CA LEU A 123 -9.79 -2.85 25.30
C LEU A 123 -9.34 -4.31 25.43
N THR A 124 -10.24 -5.22 25.12
CA THR A 124 -9.93 -6.64 25.19
C THR A 124 -9.06 -7.16 24.03
N GLY A 125 -8.78 -6.30 23.05
CA GLY A 125 -7.97 -6.67 21.89
C GLY A 125 -8.71 -7.22 20.67
N HIS A 126 -9.93 -7.71 20.85
CA HIS A 126 -10.69 -8.28 19.75
C HIS A 126 -10.85 -7.45 18.47
N ALA A 127 -11.32 -6.19 18.61
CA ALA A 127 -11.54 -5.31 17.44
C ALA A 127 -10.23 -4.95 16.71
N LEU A 128 -9.14 -4.96 17.46
CA LEU A 128 -7.84 -4.66 16.92
C LEU A 128 -7.22 -5.80 16.09
N MET A 129 -7.85 -6.98 16.04
CA MET A 129 -7.30 -8.10 15.28
C MET A 129 -7.24 -7.75 13.80
N PHE A 130 -8.13 -6.86 13.36
CA PHE A 130 -8.17 -6.47 11.97
C PHE A 130 -7.29 -5.29 11.64
N GLU A 131 -6.77 -4.61 12.65
CA GLU A 131 -5.97 -3.41 12.42
C GLU A 131 -4.49 -3.52 12.78
N GLN A 132 -3.77 -2.39 12.60
CA GLN A 132 -2.34 -2.27 12.90
C GLN A 132 -1.88 -2.83 14.24
N ASP A 133 -0.88 -3.69 14.22
CA ASP A 133 -0.34 -4.26 15.46
C ASP A 133 0.03 -3.19 16.47
N ARG A 134 0.39 -2.03 15.96
CA ARG A 134 0.76 -0.91 16.82
C ARG A 134 -0.36 -0.53 17.82
N LEU A 135 -1.62 -0.66 17.37
CA LEU A 135 -2.75 -0.28 18.19
C LEU A 135 -2.89 -1.16 19.44
N GLN A 136 -2.64 -2.47 19.29
CA GLN A 136 -2.73 -3.36 20.44
C GLN A 136 -1.60 -2.90 21.36
N GLY A 137 -0.49 -2.47 20.75
CA GLY A 137 0.64 -1.98 21.52
C GLY A 137 0.23 -0.81 22.41
N ARG A 138 -0.62 0.05 21.86
CA ARG A 138 -1.12 1.20 22.59
C ARG A 138 -1.95 0.73 23.79
N ILE A 139 -2.84 -0.23 23.53
CA ILE A 139 -3.70 -0.76 24.58
C ILE A 139 -2.86 -1.42 25.67
N ASN A 140 -1.77 -2.11 25.28
CA ASN A 140 -0.92 -2.75 26.28
C ASN A 140 -0.28 -1.66 27.15
N GLN A 141 0.16 -0.57 26.54
CA GLN A 141 0.77 0.52 27.33
C GLN A 141 -0.23 1.10 28.32
N LEU A 142 -1.50 1.22 27.91
CA LEU A 142 -2.55 1.75 28.76
C LEU A 142 -2.73 0.81 29.95
N PHE A 143 -2.76 -0.50 29.71
CA PHE A 143 -2.87 -1.45 30.81
C PHE A 143 -1.65 -1.36 31.73
N GLU A 144 -0.46 -1.16 31.17
CA GLU A 144 0.75 -1.04 32.00
C GLU A 144 0.64 0.21 32.86
N ARG A 145 0.15 1.30 32.26
CA ARG A 145 -0.03 2.54 33.01
C ARG A 145 -1.00 2.33 34.19
N ILE A 146 -2.15 1.71 33.91
CA ILE A 146 -3.13 1.44 34.95
C ILE A 146 -2.54 0.54 36.05
N GLU A 147 -1.81 -0.50 35.64
CA GLU A 147 -1.22 -1.40 36.63
C GLU A 147 -0.18 -0.63 37.46
N VAL A 148 0.59 0.22 36.77
CA VAL A 148 1.60 1.01 37.44
C VAL A 148 0.95 1.89 38.52
N GLN A 149 -0.20 2.50 38.19
CA GLN A 149 -0.93 3.36 39.15
C GLN A 149 -1.45 2.53 40.32
N LEU A 150 -1.91 1.31 40.02
CA LEU A 150 -2.41 0.40 41.04
C LEU A 150 -1.29 0.10 42.04
N ARG A 151 -0.11 -0.21 41.53
CA ARG A 151 1.01 -0.50 42.41
C ARG A 151 1.33 0.73 43.26
N GLN A 152 1.34 1.91 42.64
CA GLN A 152 1.65 3.13 43.37
C GLN A 152 0.69 3.37 44.53
N VAL A 153 -0.59 3.17 44.29
CA VAL A 153 -1.58 3.31 45.34
C VAL A 153 -1.24 2.33 46.47
N MET A 154 -0.88 1.10 46.10
CA MET A 154 -0.54 0.12 47.10
C MET A 154 0.69 0.51 47.90
N ARG A 155 1.68 1.11 47.24
CA ARG A 155 2.91 1.53 47.92
C ARG A 155 2.73 2.68 48.91
N GLU A 156 1.59 3.36 48.88
CA GLU A 156 1.37 4.46 49.81
C GLU A 156 0.69 4.04 51.11
N LYS A 157 0.16 2.83 51.13
CA LYS A 157 -0.54 2.36 52.30
C LYS A 157 0.25 2.45 53.62
N LYS A 158 1.53 2.08 53.58
CA LYS A 158 2.35 2.14 54.80
C LYS A 158 2.38 3.58 55.28
N MET A 159 2.63 4.50 54.34
CA MET A 159 2.67 5.92 54.64
C MET A 159 1.32 6.41 55.15
N ARG A 160 0.25 5.99 54.46
CA ARG A 160 -1.12 6.37 54.80
C ARG A 160 -1.66 5.82 56.11
N GLU A 161 -1.43 4.53 56.36
CA GLU A 161 -2.00 3.95 57.58
C GLU A 161 -1.07 3.29 58.58
N GLY A 162 0.23 3.31 58.32
CA GLY A 162 1.15 2.72 59.27
C GLY A 162 1.75 1.40 58.83
N GLU A 163 1.01 0.64 58.04
CA GLU A 163 1.54 -0.63 57.58
C GLU A 163 1.18 -0.96 56.15
N GLY A 164 2.18 -1.46 55.42
CA GLY A 164 1.96 -1.82 54.03
C GLY A 164 1.34 -3.20 53.93
N TYR A 165 1.21 -3.67 52.71
CA TYR A 165 0.66 -5.00 52.44
C TYR A 165 1.81 -5.98 52.66
N THR A 166 1.49 -7.19 53.10
CA THR A 166 2.51 -8.20 53.32
C THR A 166 3.03 -8.77 52.00
N LEU A 167 2.12 -8.95 51.05
CA LEU A 167 2.47 -9.52 49.76
C LEU A 167 3.00 -8.47 48.79
N ASP A 168 3.72 -8.93 47.78
CA ASP A 168 4.29 -8.09 46.74
C ASP A 168 3.20 -7.29 46.00
N GLU A 169 3.32 -5.96 45.93
CA GLU A 169 2.34 -5.09 45.24
C GLU A 169 2.25 -5.47 43.76
N THR A 170 3.36 -5.89 43.19
CA THR A 170 3.33 -6.28 41.79
C THR A 170 2.40 -7.48 41.59
N LEU A 171 2.38 -8.39 42.55
CA LEU A 171 1.50 -9.54 42.46
C LEU A 171 0.06 -9.08 42.69
N LEU A 172 -0.15 -8.22 43.69
CA LEU A 172 -1.49 -7.75 43.98
C LEU A 172 -2.10 -6.94 42.85
N ALA A 173 -1.31 -6.06 42.25
CA ALA A 173 -1.85 -5.27 41.17
C ALA A 173 -2.20 -6.12 39.95
N SER A 174 -1.36 -7.10 39.60
CA SER A 174 -1.66 -7.94 38.43
C SER A 174 -2.91 -8.72 38.70
N GLN A 175 -3.07 -9.10 39.96
CA GLN A 175 -4.22 -9.84 40.43
C GLN A 175 -5.49 -9.00 40.19
N LEU A 176 -5.45 -7.71 40.57
CA LEU A 176 -6.57 -6.80 40.39
C LEU A 176 -6.89 -6.60 38.90
N LEU A 177 -5.86 -6.39 38.09
CA LEU A 177 -6.06 -6.19 36.67
C LEU A 177 -6.55 -7.44 35.97
N ALA A 178 -6.06 -8.59 36.42
CA ALA A 178 -6.45 -9.87 35.83
C ALA A 178 -7.93 -10.01 36.01
N PHE A 179 -8.41 -9.62 37.20
CA PHE A 179 -9.83 -9.65 37.51
C PHE A 179 -10.62 -8.72 36.57
N CYS A 180 -10.13 -7.51 36.35
CA CYS A 180 -10.83 -6.56 35.46
C CYS A 180 -10.85 -7.07 34.02
N GLU A 181 -9.70 -7.53 33.54
CA GLU A 181 -9.60 -8.05 32.18
C GLU A 181 -10.46 -9.27 31.99
N GLY A 182 -10.57 -10.08 33.04
CA GLY A 182 -11.41 -11.26 32.99
C GLY A 182 -12.88 -10.87 32.83
N MET A 183 -13.32 -9.90 33.61
CA MET A 183 -14.70 -9.44 33.53
C MET A 183 -15.00 -8.78 32.15
N LEU A 184 -14.06 -8.01 31.62
CA LEU A 184 -14.27 -7.35 30.33
C LEU A 184 -14.31 -8.40 29.22
N SER A 185 -13.44 -9.39 29.32
CA SER A 185 -13.41 -10.44 28.32
C SER A 185 -14.75 -11.20 28.27
N ARG A 186 -15.33 -11.44 29.45
CA ARG A 186 -16.61 -12.14 29.56
C ARG A 186 -17.73 -11.29 28.99
N PHE A 187 -17.67 -9.99 29.27
CA PHE A 187 -18.67 -9.06 28.76
C PHE A 187 -18.64 -9.14 27.22
N VAL A 188 -17.44 -9.16 26.66
CA VAL A 188 -17.32 -9.24 25.22
C VAL A 188 -17.77 -10.57 24.61
N ARG A 189 -17.30 -11.70 25.14
CA ARG A 189 -17.70 -13.01 24.58
C ARG A 189 -19.18 -13.24 24.64
N SER A 190 -19.80 -12.76 25.70
CA SER A 190 -21.24 -12.94 25.91
C SER A 190 -22.13 -12.01 25.11
N GLU A 191 -21.58 -11.25 24.18
CA GLU A 191 -22.36 -10.31 23.37
C GLU A 191 -22.86 -9.24 24.28
N PHE A 192 -22.05 -8.93 25.29
CA PHE A 192 -22.38 -7.91 26.28
C PHE A 192 -23.53 -8.25 27.21
N LYS A 193 -23.82 -9.54 27.41
CA LYS A 193 -24.87 -9.95 28.34
C LYS A 193 -24.37 -9.97 29.78
N TYR A 194 -23.12 -10.38 29.96
CA TYR A 194 -22.54 -10.43 31.30
C TYR A 194 -21.93 -9.10 31.62
N ARG A 195 -22.75 -8.16 32.08
CA ARG A 195 -22.28 -6.82 32.41
C ARG A 195 -21.17 -6.85 33.48
N PRO A 196 -20.08 -6.12 33.23
CA PRO A 196 -18.90 -6.00 34.08
C PRO A 196 -19.14 -5.63 35.56
N THR A 197 -20.11 -4.74 35.83
CA THR A 197 -20.37 -4.31 37.22
C THR A 197 -21.42 -5.11 37.95
N ASP A 198 -21.97 -6.12 37.27
CA ASP A 198 -22.99 -6.95 37.88
C ASP A 198 -22.45 -7.61 39.15
N ASP A 199 -23.15 -7.40 40.28
CA ASP A 199 -22.75 -7.95 41.57
C ASP A 199 -21.41 -7.39 42.05
N PHE A 200 -21.03 -6.20 41.56
CA PHE A 200 -19.75 -5.63 41.95
C PHE A 200 -19.59 -5.60 43.44
N GLU A 201 -20.62 -5.13 44.13
CA GLU A 201 -20.73 -5.05 45.59
C GLU A 201 -20.48 -6.37 46.26
N ALA A 202 -20.92 -7.47 45.65
CA ALA A 202 -20.71 -8.79 46.25
C ALA A 202 -19.32 -9.29 45.83
N ARG A 203 -18.83 -8.86 44.66
CA ARG A 203 -17.51 -9.30 44.20
C ARG A 203 -16.35 -8.54 44.80
N TRP A 204 -16.51 -7.24 45.01
CA TRP A 204 -15.38 -6.50 45.53
C TRP A 204 -14.79 -7.06 46.82
N PRO A 205 -15.65 -7.37 47.80
CA PRO A 205 -15.21 -7.92 49.09
C PRO A 205 -14.32 -9.14 48.87
N LEU A 206 -14.68 -9.97 47.90
CA LEU A 206 -13.91 -11.17 47.56
C LEU A 206 -12.54 -10.77 47.00
N VAL A 207 -12.54 -9.77 46.12
CA VAL A 207 -11.29 -9.28 45.54
C VAL A 207 -10.39 -8.68 46.60
N ALA A 208 -10.98 -7.86 47.46
CA ALA A 208 -10.24 -7.17 48.53
C ALA A 208 -9.59 -8.14 49.51
N ALA A 209 -10.20 -9.31 49.65
CA ALA A 209 -9.69 -10.35 50.54
C ALA A 209 -8.29 -10.76 50.10
N GLN A 210 -7.97 -10.51 48.83
CA GLN A 210 -6.65 -10.84 48.30
C GLN A 210 -5.58 -9.85 48.75
N LEU A 211 -6.01 -8.64 49.06
CA LEU A 211 -5.11 -7.57 49.47
C LEU A 211 -4.53 -7.81 50.84
N GLN A 212 -3.51 -8.66 50.89
CA GLN A 212 -2.86 -9.00 52.14
C GLN A 212 -1.42 -8.50 52.16
N ASN B 24 -4.46 -39.05 6.84
CA ASN B 24 -3.78 -38.44 8.02
C ASN B 24 -3.42 -36.99 7.78
N ARG B 25 -3.72 -36.48 6.60
CA ARG B 25 -3.40 -35.09 6.29
C ARG B 25 -4.30 -34.23 7.16
N ARG B 26 -5.48 -34.76 7.45
CA ARG B 26 -6.44 -34.05 8.28
C ARG B 26 -5.70 -33.62 9.55
N GLU B 27 -4.91 -34.52 10.13
CA GLU B 27 -4.16 -34.20 11.33
C GLU B 27 -2.98 -33.28 11.05
N GLU B 28 -2.40 -33.42 9.86
CA GLU B 28 -1.24 -32.60 9.50
C GLU B 28 -1.60 -31.12 9.40
N ILE B 29 -2.75 -30.88 8.78
CA ILE B 29 -3.31 -29.56 8.58
C ILE B 29 -3.58 -28.90 9.93
N LEU B 30 -4.35 -29.60 10.79
CA LEU B 30 -4.68 -29.08 12.12
C LEU B 30 -3.44 -28.70 12.93
N GLN B 31 -2.46 -29.60 12.90
CA GLN B 31 -1.18 -29.39 13.59
C GLN B 31 -0.55 -28.09 13.14
N SER B 32 -0.57 -27.86 11.83
CA SER B 32 0.02 -26.67 11.21
C SER B 32 -0.75 -25.44 11.63
N LEU B 33 -2.06 -25.47 11.46
CA LEU B 33 -2.89 -24.35 11.86
C LEU B 33 -2.53 -23.95 13.30
N ALA B 34 -2.39 -24.94 14.19
CA ALA B 34 -2.05 -24.68 15.57
C ALA B 34 -0.69 -24.02 15.67
N LEU B 35 0.27 -24.51 14.89
CA LEU B 35 1.61 -23.95 14.93
C LEU B 35 1.59 -22.49 14.48
N MET B 36 0.81 -22.23 13.44
CA MET B 36 0.70 -20.87 12.94
C MET B 36 0.00 -20.00 14.00
N LEU B 37 -1.07 -20.52 14.59
CA LEU B 37 -1.77 -19.78 15.64
C LEU B 37 -0.79 -19.40 16.74
N GLU B 38 0.13 -20.32 17.06
CA GLU B 38 1.13 -20.08 18.10
C GLU B 38 2.19 -19.08 17.65
N SER B 39 2.56 -19.12 16.37
CA SER B 39 3.58 -18.22 15.85
C SER B 39 3.17 -16.76 15.88
N SER B 40 4.14 -15.90 15.59
CA SER B 40 3.89 -14.46 15.58
C SER B 40 2.88 -14.12 14.50
N ASP B 41 2.59 -15.07 13.62
CA ASP B 41 1.62 -14.88 12.54
C ASP B 41 0.20 -15.20 12.99
N GLY B 42 0.08 -15.69 14.22
CA GLY B 42 -1.21 -16.02 14.79
C GLY B 42 -2.01 -14.79 15.20
N SER B 43 -1.38 -13.62 15.18
CA SER B 43 -2.07 -12.37 15.53
C SER B 43 -2.86 -11.77 14.35
N GLN B 44 -2.92 -12.48 13.24
CA GLN B 44 -3.71 -12.02 12.09
C GLN B 44 -4.22 -13.20 11.33
N ARG B 45 -5.14 -12.92 10.41
CA ARG B 45 -5.79 -13.94 9.60
C ARG B 45 -4.87 -15.05 9.12
N ILE B 46 -5.30 -16.29 9.28
CA ILE B 46 -4.52 -17.43 8.82
C ILE B 46 -5.13 -17.79 7.45
N THR B 47 -4.49 -17.35 6.36
CA THR B 47 -5.03 -17.66 5.03
C THR B 47 -4.84 -19.11 4.63
N THR B 48 -5.78 -19.61 3.83
CA THR B 48 -5.70 -20.98 3.37
C THR B 48 -4.43 -21.20 2.53
N ALA B 49 -4.01 -20.16 1.81
CA ALA B 49 -2.80 -20.25 0.98
C ALA B 49 -1.60 -20.48 1.86
N LYS B 50 -1.53 -19.71 2.95
CA LYS B 50 -0.42 -19.83 3.88
C LYS B 50 -0.47 -21.19 4.60
N LEU B 51 -1.67 -21.62 4.93
CA LEU B 51 -1.86 -22.89 5.63
C LEU B 51 -1.43 -24.05 4.73
N ALA B 52 -1.91 -24.03 3.49
CA ALA B 52 -1.57 -25.07 2.52
C ALA B 52 -0.05 -25.09 2.33
N ALA B 53 0.54 -23.90 2.16
CA ALA B 53 1.98 -23.81 1.98
C ALA B 53 2.67 -24.42 3.21
N SER B 54 2.25 -23.99 4.39
CA SER B 54 2.82 -24.49 5.63
C SER B 54 2.82 -26.02 5.66
N VAL B 55 1.67 -26.59 5.33
CA VAL B 55 1.52 -28.04 5.32
C VAL B 55 2.52 -28.63 4.34
N GLY B 56 2.33 -28.29 3.07
CA GLY B 56 3.19 -28.78 2.01
C GLY B 56 2.36 -29.00 0.77
N VAL B 57 1.05 -29.06 0.91
CA VAL B 57 0.19 -29.27 -0.26
C VAL B 57 -0.36 -27.95 -0.80
N SER B 58 -1.39 -28.08 -1.64
CA SER B 58 -2.00 -26.91 -2.25
C SER B 58 -3.34 -26.63 -1.59
N GLU B 59 -3.88 -25.46 -1.86
CA GLU B 59 -5.17 -25.08 -1.30
C GLU B 59 -6.22 -26.07 -1.79
N ALA B 60 -5.93 -26.74 -2.90
CA ALA B 60 -6.87 -27.69 -3.48
C ALA B 60 -6.92 -28.97 -2.66
N ALA B 61 -5.75 -29.42 -2.22
CA ALA B 61 -5.62 -30.63 -1.42
C ALA B 61 -6.26 -30.38 -0.05
N LEU B 62 -6.08 -29.17 0.42
CA LEU B 62 -6.60 -28.73 1.71
C LEU B 62 -8.08 -29.01 1.82
N TYR B 63 -8.82 -28.57 0.81
CA TYR B 63 -10.27 -28.74 0.83
C TYR B 63 -10.79 -30.14 0.55
N ARG B 64 -9.90 -31.12 0.46
CA ARG B 64 -10.41 -32.47 0.25
C ARG B 64 -10.46 -33.15 1.62
N HIS B 65 -10.02 -32.41 2.64
CA HIS B 65 -10.01 -32.90 4.01
C HIS B 65 -10.94 -32.08 4.89
N PHE B 66 -11.31 -30.89 4.42
CA PHE B 66 -12.17 -29.98 5.14
C PHE B 66 -13.02 -29.19 4.17
N PRO B 67 -14.33 -29.10 4.40
CA PRO B 67 -15.28 -28.35 3.55
C PRO B 67 -14.97 -26.86 3.58
N SER B 68 -14.45 -26.40 4.73
CA SER B 68 -14.13 -25.00 4.94
C SER B 68 -13.07 -24.82 5.99
N LYS B 69 -12.74 -23.55 6.25
CA LYS B 69 -11.76 -23.23 7.24
C LYS B 69 -12.41 -23.38 8.63
N THR B 70 -13.69 -23.05 8.70
CA THR B 70 -14.47 -23.17 9.92
C THR B 70 -14.36 -24.58 10.47
N ARG B 71 -14.40 -25.55 9.56
CA ARG B 71 -14.31 -26.96 9.94
C ARG B 71 -13.03 -27.24 10.67
N MET B 72 -11.96 -26.59 10.24
CA MET B 72 -10.67 -26.80 10.89
C MET B 72 -10.77 -26.27 12.31
N PHE B 73 -11.29 -25.05 12.48
CA PHE B 73 -11.44 -24.48 13.82
C PHE B 73 -12.40 -25.30 14.70
N ASP B 74 -13.46 -25.85 14.09
CA ASP B 74 -14.40 -26.68 14.82
C ASP B 74 -13.61 -27.87 15.38
N SER B 75 -12.71 -28.42 14.55
CA SER B 75 -11.90 -29.55 14.98
C SER B 75 -10.96 -29.14 16.09
N LEU B 76 -10.40 -27.95 15.99
CA LEU B 76 -9.49 -27.46 17.01
C LEU B 76 -10.19 -27.25 18.36
N ILE B 77 -11.41 -26.71 18.28
CA ILE B 77 -12.25 -26.46 19.43
C ILE B 77 -12.62 -27.77 20.11
N GLU B 78 -13.05 -28.75 19.30
CA GLU B 78 -13.39 -30.05 19.87
C GLU B 78 -12.15 -30.62 20.57
N PHE B 79 -10.97 -30.40 19.99
CA PHE B 79 -9.76 -30.88 20.66
C PHE B 79 -9.62 -30.19 22.04
N ILE B 80 -9.85 -28.87 22.08
CA ILE B 80 -9.76 -28.10 23.33
C ILE B 80 -10.71 -28.63 24.37
N GLU B 81 -11.96 -28.83 23.98
CA GLU B 81 -12.95 -29.32 24.91
C GLU B 81 -12.65 -30.72 25.49
N ASP B 82 -12.24 -31.65 24.64
CA ASP B 82 -11.93 -32.98 25.11
C ASP B 82 -10.75 -32.97 26.06
N SER B 83 -9.71 -32.21 25.70
CA SER B 83 -8.53 -32.17 26.54
C SER B 83 -8.92 -31.69 27.91
N LEU B 84 -9.66 -30.59 27.96
CA LEU B 84 -10.08 -30.00 29.23
C LEU B 84 -11.12 -30.79 30.02
N ILE B 85 -12.22 -31.17 29.38
CA ILE B 85 -13.27 -31.91 30.09
C ILE B 85 -12.75 -33.28 30.56
N THR B 86 -12.00 -33.94 29.69
CA THR B 86 -11.45 -35.24 30.05
C THR B 86 -10.57 -35.09 31.28
N ARG B 87 -9.73 -34.06 31.32
CA ARG B 87 -8.84 -33.90 32.47
C ARG B 87 -9.56 -33.44 33.72
N ILE B 88 -10.66 -32.74 33.56
CA ILE B 88 -11.36 -32.31 34.75
C ILE B 88 -12.01 -33.52 35.40
N ASN B 89 -12.52 -34.44 34.58
CA ASN B 89 -13.12 -35.63 35.13
C ASN B 89 -12.07 -36.44 35.88
N LEU B 90 -10.87 -36.52 35.31
CA LEU B 90 -9.79 -37.26 35.99
C LEU B 90 -9.53 -36.63 37.32
N ILE B 91 -9.51 -35.30 37.35
CA ILE B 91 -9.27 -34.59 38.60
C ILE B 91 -10.32 -34.94 39.68
N LEU B 92 -11.58 -35.01 39.29
CA LEU B 92 -12.67 -35.29 40.22
C LEU B 92 -12.60 -36.70 40.81
N LYS B 93 -12.03 -37.60 40.04
CA LYS B 93 -11.93 -38.96 40.49
C LYS B 93 -10.65 -39.22 41.28
N ASP B 94 -9.69 -38.31 41.14
CA ASP B 94 -8.35 -38.43 41.72
C ASP B 94 -8.26 -37.61 43.00
N GLU B 95 -9.06 -36.55 43.09
CA GLU B 95 -8.99 -35.65 44.27
C GLU B 95 -10.35 -35.47 44.92
N LYS B 96 -10.38 -35.79 46.20
CA LYS B 96 -11.56 -35.74 47.03
C LYS B 96 -11.86 -34.37 47.63
N ASP B 97 -10.82 -33.64 48.02
CA ASP B 97 -10.96 -32.32 48.62
C ASP B 97 -11.54 -31.26 47.68
N THR B 98 -12.54 -30.53 48.15
CA THR B 98 -13.18 -29.50 47.34
C THR B 98 -12.21 -28.40 46.88
N THR B 99 -11.49 -27.79 47.82
CA THR B 99 -10.58 -26.71 47.48
C THR B 99 -9.46 -27.18 46.58
N ALA B 100 -8.93 -28.38 46.84
CA ALA B 100 -7.84 -28.92 46.02
C ALA B 100 -8.33 -29.18 44.61
N ARG B 101 -9.60 -29.55 44.51
CA ARG B 101 -10.21 -29.83 43.20
C ARG B 101 -10.24 -28.51 42.42
N LEU B 102 -10.70 -27.46 43.09
CA LEU B 102 -10.79 -26.15 42.48
C LEU B 102 -9.41 -25.69 42.04
N ARG B 103 -8.43 -25.83 42.93
CA ARG B 103 -7.05 -25.47 42.56
C ARG B 103 -6.60 -26.22 41.30
N LEU B 104 -6.80 -27.55 41.26
CA LEU B 104 -6.35 -28.32 40.10
C LEU B 104 -7.03 -27.96 38.80
N ILE B 105 -8.33 -27.70 38.85
CA ILE B 105 -9.04 -27.33 37.65
C ILE B 105 -8.52 -25.96 37.13
N VAL B 106 -8.31 -25.00 38.02
CA VAL B 106 -7.78 -23.71 37.56
C VAL B 106 -6.39 -23.90 37.00
N LEU B 107 -5.57 -24.65 37.72
CA LEU B 107 -4.20 -24.89 37.25
C LEU B 107 -4.22 -25.56 35.89
N LEU B 108 -5.15 -26.48 35.70
CA LEU B 108 -5.31 -27.18 34.43
C LEU B 108 -5.65 -26.21 33.32
N ILE B 109 -6.63 -25.33 33.55
CA ILE B 109 -7.01 -24.36 32.52
C ILE B 109 -5.81 -23.46 32.21
N LEU B 110 -5.17 -22.89 33.23
CA LEU B 110 -4.03 -22.02 32.98
C LEU B 110 -2.89 -22.79 32.29
N GLY B 111 -2.62 -23.99 32.78
CA GLY B 111 -1.54 -24.82 32.24
C GLY B 111 -1.72 -25.23 30.80
N PHE B 112 -2.93 -25.67 30.48
CA PHE B 112 -3.23 -26.07 29.11
C PHE B 112 -3.04 -24.86 28.18
N GLY B 113 -3.46 -23.68 28.67
CA GLY B 113 -3.32 -22.48 27.87
C GLY B 113 -1.87 -22.17 27.61
N GLU B 114 -1.07 -22.20 28.66
CA GLU B 114 0.35 -21.93 28.50
C GLU B 114 1.02 -22.91 27.51
N ARG B 115 0.71 -24.20 27.62
CA ARG B 115 1.29 -25.25 26.76
C ARG B 115 0.73 -25.25 25.34
N ASN B 116 -0.36 -24.54 25.11
CA ASN B 116 -0.95 -24.49 23.77
C ASN B 116 -1.30 -23.04 23.42
N PRO B 117 -0.30 -22.15 23.30
CA PRO B 117 -0.55 -20.74 22.98
C PRO B 117 -1.48 -20.51 21.80
N GLY B 118 -1.26 -21.24 20.71
CA GLY B 118 -2.10 -21.08 19.54
C GLY B 118 -3.58 -21.39 19.80
N LEU B 119 -3.84 -22.43 20.60
CA LEU B 119 -5.21 -22.79 20.90
C LEU B 119 -5.78 -21.78 21.90
N THR B 120 -4.92 -21.20 22.73
CA THR B 120 -5.35 -20.22 23.71
C THR B 120 -5.94 -19.05 22.96
N ARG B 121 -5.36 -18.74 21.80
CA ARG B 121 -5.83 -17.65 20.95
C ARG B 121 -7.26 -17.91 20.49
N ILE B 122 -7.64 -19.18 20.42
CA ILE B 122 -9.00 -19.54 20.04
C ILE B 122 -9.90 -19.38 21.29
N LEU B 123 -9.37 -19.82 22.44
CA LEU B 123 -10.08 -19.75 23.72
C LEU B 123 -10.48 -18.33 24.12
N THR B 124 -9.57 -17.38 23.89
CA THR B 124 -9.82 -15.99 24.22
C THR B 124 -10.65 -15.31 23.15
N GLY B 125 -10.90 -16.04 22.07
CA GLY B 125 -11.71 -15.50 20.99
C GLY B 125 -10.98 -14.60 20.01
N HIS B 126 -9.70 -14.30 20.22
CA HIS B 126 -9.01 -13.43 19.27
C HIS B 126 -8.88 -14.07 17.90
N ALA B 127 -8.29 -15.27 17.83
CA ALA B 127 -8.11 -15.94 16.57
C ALA B 127 -9.44 -16.13 15.84
N LEU B 128 -10.54 -16.16 16.58
CA LEU B 128 -11.83 -16.37 15.93
C LEU B 128 -12.46 -15.11 15.34
N MET B 129 -11.84 -13.95 15.56
CA MET B 129 -12.41 -12.73 14.99
C MET B 129 -12.44 -12.87 13.47
N PHE B 130 -11.45 -13.57 12.94
CA PHE B 130 -11.31 -13.80 11.49
C PHE B 130 -12.23 -14.87 10.93
N GLU B 131 -12.99 -15.54 11.79
CA GLU B 131 -13.83 -16.63 11.32
C GLU B 131 -15.32 -16.54 11.70
N GLN B 132 -16.08 -17.57 11.31
CA GLN B 132 -17.54 -17.63 11.57
C GLN B 132 -17.96 -17.45 13.02
N ASP B 133 -18.87 -16.49 13.27
CA ASP B 133 -19.36 -16.17 14.62
C ASP B 133 -19.81 -17.33 15.51
N ARG B 134 -20.41 -18.36 14.92
CA ARG B 134 -20.86 -19.46 15.76
C ARG B 134 -19.68 -20.20 16.41
N LEU B 135 -18.46 -19.98 15.94
CA LEU B 135 -17.33 -20.65 16.57
C LEU B 135 -17.12 -20.12 17.98
N GLN B 136 -17.36 -18.82 18.17
CA GLN B 136 -17.24 -18.19 19.48
C GLN B 136 -18.34 -18.72 20.40
N GLY B 137 -19.52 -18.98 19.83
CA GLY B 137 -20.63 -19.49 20.62
C GLY B 137 -20.29 -20.88 21.12
N ARG B 138 -19.47 -21.58 20.35
CA ARG B 138 -19.05 -22.91 20.73
C ARG B 138 -18.06 -22.78 21.89
N ILE B 139 -17.24 -21.74 21.89
CA ILE B 139 -16.28 -21.52 22.98
C ILE B 139 -17.05 -21.14 24.24
N ASN B 140 -18.05 -20.27 24.09
CA ASN B 140 -18.86 -19.87 25.22
C ASN B 140 -19.54 -21.10 25.86
N GLN B 141 -19.92 -22.06 25.03
CA GLN B 141 -20.53 -23.26 25.55
C GLN B 141 -19.50 -24.02 26.39
N LEU B 142 -18.25 -24.08 25.93
CA LEU B 142 -17.23 -24.77 26.70
C LEU B 142 -17.07 -24.06 28.05
N PHE B 143 -16.94 -22.73 28.04
CA PHE B 143 -16.80 -21.95 29.25
C PHE B 143 -18.00 -22.21 30.19
N GLU B 144 -19.22 -22.26 29.65
CA GLU B 144 -20.41 -22.52 30.46
C GLU B 144 -20.33 -23.92 31.08
N ARG B 145 -19.87 -24.86 30.27
CA ARG B 145 -19.74 -26.23 30.73
C ARG B 145 -18.78 -26.27 31.91
N ILE B 146 -17.64 -25.61 31.74
CA ILE B 146 -16.65 -25.58 32.80
C ILE B 146 -17.20 -24.87 34.02
N GLU B 147 -17.86 -23.74 33.82
CA GLU B 147 -18.39 -23.02 34.97
C GLU B 147 -19.44 -23.86 35.73
N VAL B 148 -20.24 -24.62 34.99
CA VAL B 148 -21.28 -25.49 35.57
C VAL B 148 -20.64 -26.57 36.44
N GLN B 149 -19.50 -27.09 36.00
CA GLN B 149 -18.75 -28.11 36.74
C GLN B 149 -18.13 -27.50 38.00
N LEU B 150 -17.61 -26.27 37.87
CA LEU B 150 -17.02 -25.55 39.00
C LEU B 150 -18.09 -25.34 40.08
N ARG B 151 -19.32 -25.06 39.63
CA ARG B 151 -20.49 -24.85 40.50
C ARG B 151 -20.86 -26.16 41.20
N GLN B 152 -20.82 -27.26 40.44
CA GLN B 152 -21.16 -28.55 41.00
C GLN B 152 -20.16 -28.90 42.09
N VAL B 153 -18.86 -28.70 41.82
CA VAL B 153 -17.81 -28.99 42.80
C VAL B 153 -18.05 -28.22 44.10
N MET B 154 -18.29 -26.91 43.97
CA MET B 154 -18.53 -26.07 45.13
C MET B 154 -19.75 -26.50 45.94
N ARG B 155 -20.84 -26.83 45.25
CA ARG B 155 -22.06 -27.23 45.95
C ARG B 155 -21.89 -28.50 46.78
N GLU B 156 -20.98 -29.37 46.36
CA GLU B 156 -20.79 -30.61 47.08
C GLU B 156 -19.95 -30.48 48.32
N LYS B 157 -19.40 -29.29 48.55
CA LYS B 157 -18.55 -29.07 49.70
C LYS B 157 -19.30 -29.34 51.02
N LYS B 158 -20.55 -28.89 51.10
CA LYS B 158 -21.32 -29.08 52.33
C LYS B 158 -21.52 -30.56 52.66
N MET B 159 -21.91 -31.36 51.65
CA MET B 159 -22.14 -32.80 51.82
C MET B 159 -20.86 -33.53 52.13
N ARG B 160 -19.82 -33.11 51.43
CA ARG B 160 -18.54 -33.72 51.62
C ARG B 160 -17.86 -33.33 52.92
N GLU B 161 -17.57 -32.04 53.08
CA GLU B 161 -16.87 -31.56 54.25
C GLU B 161 -17.71 -30.97 55.36
N GLY B 162 -19.03 -30.97 55.21
CA GLY B 162 -19.88 -30.44 56.27
C GLY B 162 -20.48 -29.05 56.10
N GLU B 163 -19.63 -28.03 56.06
CA GLU B 163 -20.11 -26.65 55.88
C GLU B 163 -19.70 -26.16 54.50
N GLY B 164 -20.66 -25.63 53.75
CA GLY B 164 -20.33 -25.14 52.43
C GLY B 164 -19.83 -23.71 52.46
N TYR B 165 -20.08 -23.05 51.35
CA TYR B 165 -19.70 -21.67 51.18
C TYR B 165 -20.81 -20.75 51.60
N THR B 166 -20.43 -19.64 52.21
CA THR B 166 -21.38 -18.64 52.64
C THR B 166 -22.02 -17.96 51.42
N LEU B 167 -21.23 -17.74 50.37
CA LEU B 167 -21.74 -17.07 49.19
C LEU B 167 -22.28 -18.01 48.13
N ASP B 168 -23.07 -17.48 47.21
CA ASP B 168 -23.67 -18.28 46.12
C ASP B 168 -22.57 -18.87 45.27
N GLU B 169 -22.72 -20.15 44.92
CA GLU B 169 -21.74 -20.85 44.10
C GLU B 169 -21.67 -20.20 42.72
N THR B 170 -22.75 -19.60 42.26
CA THR B 170 -22.74 -18.97 40.96
C THR B 170 -21.80 -17.77 40.95
N LEU B 171 -21.79 -17.05 42.06
CA LEU B 171 -20.93 -15.91 42.19
C LEU B 171 -19.47 -16.36 42.25
N LEU B 172 -19.20 -17.40 43.05
CA LEU B 172 -17.85 -17.92 43.23
C LEU B 172 -17.22 -18.57 41.99
N ALA B 173 -18.00 -19.33 41.25
CA ALA B 173 -17.49 -19.99 40.07
C ALA B 173 -17.24 -18.98 38.97
N SER B 174 -18.04 -17.91 38.89
CA SER B 174 -17.82 -16.91 37.85
C SER B 174 -16.55 -16.12 38.22
N GLN B 175 -16.41 -15.87 39.51
CA GLN B 175 -15.25 -15.17 40.04
C GLN B 175 -14.02 -16.00 39.63
N LEU B 176 -14.11 -17.32 39.81
CA LEU B 176 -13.01 -18.22 39.46
C LEU B 176 -12.65 -18.21 37.98
N LEU B 177 -13.67 -18.25 37.13
CA LEU B 177 -13.43 -18.29 35.72
C LEU B 177 -12.98 -16.93 35.22
N ALA B 178 -13.50 -15.88 35.84
CA ALA B 178 -13.09 -14.55 35.46
C ALA B 178 -11.58 -14.47 35.65
N PHE B 179 -11.10 -15.03 36.76
CA PHE B 179 -9.65 -14.99 36.99
C PHE B 179 -8.89 -15.71 35.88
N CYS B 180 -9.38 -16.89 35.50
CA CYS B 180 -8.74 -17.65 34.42
C CYS B 180 -8.74 -16.91 33.10
N GLU B 181 -9.88 -16.34 32.71
CA GLU B 181 -9.97 -15.65 31.44
C GLU B 181 -9.08 -14.42 31.44
N GLY B 182 -9.01 -13.74 32.58
CA GLY B 182 -8.16 -12.56 32.68
C GLY B 182 -6.72 -12.96 32.45
N MET B 183 -6.30 -14.06 33.08
CA MET B 183 -4.94 -14.55 32.91
C MET B 183 -4.66 -14.98 31.47
N LEU B 184 -5.61 -15.62 30.81
CA LEU B 184 -5.34 -16.03 29.44
C LEU B 184 -5.30 -14.81 28.53
N SER B 185 -6.19 -13.87 28.79
CA SER B 185 -6.26 -12.62 28.05
C SER B 185 -4.89 -11.91 28.07
N ARG B 186 -4.30 -11.75 29.26
CA ARG B 186 -2.97 -11.14 29.41
C ARG B 186 -1.92 -11.93 28.67
N PHE B 187 -2.00 -13.26 28.76
CA PHE B 187 -1.05 -14.12 28.06
C PHE B 187 -1.07 -13.76 26.55
N VAL B 188 -2.25 -13.77 25.93
CA VAL B 188 -2.41 -13.42 24.51
C VAL B 188 -1.99 -11.96 24.20
N ARG B 189 -2.44 -11.00 25.01
CA ARG B 189 -2.12 -9.57 24.83
C ARG B 189 -0.62 -9.34 24.65
N SER B 190 0.13 -9.94 25.58
CA SER B 190 1.57 -9.79 25.68
C SER B 190 2.33 -10.64 24.70
N GLU B 191 1.63 -11.19 23.74
CA GLU B 191 2.28 -12.03 22.76
C GLU B 191 2.95 -13.22 23.46
N PHE B 192 2.24 -13.77 24.45
CA PHE B 192 2.68 -14.92 25.23
C PHE B 192 3.83 -14.68 26.21
N LYS B 193 4.09 -13.42 26.57
CA LYS B 193 5.15 -13.13 27.53
C LYS B 193 4.66 -13.34 28.97
N TYR B 194 3.43 -12.93 29.26
CA TYR B 194 2.88 -13.11 30.61
C TYR B 194 2.26 -14.50 30.74
N ARG B 195 3.07 -15.44 31.22
CA ARG B 195 2.67 -16.84 31.42
C ARG B 195 1.53 -17.00 32.45
N PRO B 196 0.42 -17.64 32.06
CA PRO B 196 -0.75 -17.88 32.93
C PRO B 196 -0.43 -18.57 34.26
N THR B 197 0.49 -19.54 34.26
CA THR B 197 0.80 -20.27 35.50
C THR B 197 1.98 -19.66 36.25
N ASP B 198 2.45 -18.53 35.75
CA ASP B 198 3.56 -17.90 36.43
C ASP B 198 3.16 -17.34 37.80
N ASP B 199 3.91 -17.77 38.80
CA ASP B 199 3.65 -17.42 40.20
C ASP B 199 2.37 -18.04 40.74
N PHE B 200 1.87 -19.10 40.09
CA PHE B 200 0.64 -19.77 40.51
C PHE B 200 0.65 -20.08 41.97
N GLU B 201 1.81 -20.47 42.36
CA GLU B 201 2.05 -20.78 43.72
C GLU B 201 1.61 -19.71 44.71
N ALA B 202 1.87 -18.48 44.33
CA ALA B 202 1.54 -17.31 45.14
C ALA B 202 0.16 -16.74 44.79
N ARG B 203 -0.27 -16.93 43.55
CA ARG B 203 -1.59 -16.42 43.17
C ARG B 203 -2.72 -17.28 43.70
N TRP B 204 -2.59 -18.61 43.62
CA TRP B 204 -3.66 -19.50 44.04
C TRP B 204 -4.30 -19.23 45.41
N PRO B 205 -3.48 -19.03 46.46
CA PRO B 205 -3.96 -18.73 47.81
C PRO B 205 -4.82 -17.45 47.83
N LEU B 206 -4.51 -16.50 46.94
CA LEU B 206 -5.27 -15.26 46.83
C LEU B 206 -6.62 -15.52 46.18
N VAL B 207 -6.61 -16.37 45.15
CA VAL B 207 -7.85 -16.71 44.47
C VAL B 207 -8.73 -17.49 45.45
N ALA B 208 -8.12 -18.48 46.13
CA ALA B 208 -8.83 -19.30 47.09
C ALA B 208 -9.38 -18.46 48.25
N ALA B 209 -8.74 -17.31 48.52
CA ALA B 209 -9.22 -16.42 49.58
C ALA B 209 -10.60 -15.88 49.14
N GLN B 210 -10.85 -15.88 47.84
CA GLN B 210 -12.14 -15.41 47.33
C GLN B 210 -13.29 -16.40 47.54
N LEU B 211 -12.98 -17.64 47.87
CA LEU B 211 -14.00 -18.68 48.07
C LEU B 211 -14.55 -18.70 49.50
N GLN B 212 -15.60 -17.92 49.78
CA GLN B 212 -16.16 -17.87 51.14
C GLN B 212 -17.67 -18.20 51.25
N ARG C 23 4.93 -19.34 -18.98
CA ARG C 23 3.64 -20.09 -19.11
C ARG C 23 2.76 -19.50 -20.19
N ASN C 24 1.85 -20.32 -20.69
CA ASN C 24 0.90 -19.92 -21.71
C ASN C 24 0.10 -18.76 -21.14
N ARG C 25 -0.30 -18.88 -19.88
CA ARG C 25 -1.05 -17.81 -19.24
C ARG C 25 -0.20 -16.59 -19.01
N ARG C 26 1.03 -16.80 -18.54
CA ARG C 26 1.94 -15.68 -18.29
C ARG C 26 2.18 -14.92 -19.59
N GLU C 27 2.63 -15.62 -20.63
CA GLU C 27 2.89 -15.00 -21.92
C GLU C 27 1.64 -14.38 -22.49
N GLU C 28 0.51 -15.06 -22.28
CA GLU C 28 -0.77 -14.57 -22.78
C GLU C 28 -1.10 -13.21 -22.17
N ILE C 29 -0.86 -13.08 -20.88
CA ILE C 29 -1.11 -11.84 -20.18
C ILE C 29 -0.22 -10.73 -20.74
N LEU C 30 1.05 -11.06 -20.99
CA LEU C 30 2.01 -10.08 -21.50
C LEU C 30 1.60 -9.64 -22.91
N GLN C 31 1.19 -10.61 -23.72
CA GLN C 31 0.74 -10.35 -25.07
C GLN C 31 -0.49 -9.43 -25.03
N SER C 32 -1.42 -9.69 -24.11
CA SER C 32 -2.60 -8.83 -23.96
C SER C 32 -2.23 -7.40 -23.53
N LEU C 33 -1.23 -7.28 -22.65
CA LEU C 33 -0.74 -5.98 -22.16
C LEU C 33 -0.17 -5.16 -23.35
N ALA C 34 0.75 -5.78 -24.09
CA ALA C 34 1.38 -5.19 -25.27
C ALA C 34 0.28 -4.76 -26.27
N LEU C 35 -0.67 -5.65 -26.51
CA LEU C 35 -1.80 -5.31 -27.40
C LEU C 35 -2.65 -4.13 -26.87
N MET C 36 -2.90 -4.08 -25.57
CA MET C 36 -3.68 -2.97 -25.04
C MET C 36 -2.93 -1.68 -25.24
N LEU C 37 -1.61 -1.72 -25.06
CA LEU C 37 -0.76 -0.54 -25.21
C LEU C 37 -0.79 0.04 -26.64
N GLU C 38 -1.08 -0.81 -27.61
CA GLU C 38 -1.13 -0.41 -29.01
C GLU C 38 -2.47 0.22 -29.36
N SER C 39 -3.51 -0.22 -28.65
CA SER C 39 -4.88 0.23 -28.86
C SER C 39 -5.20 1.63 -28.34
N SER C 40 -6.47 2.01 -28.47
CA SER C 40 -6.92 3.30 -28.00
C SER C 40 -6.79 3.35 -26.48
N ASP C 41 -6.73 2.17 -25.85
CA ASP C 41 -6.57 2.10 -24.40
C ASP C 41 -5.16 2.50 -23.96
N GLY C 42 -4.19 2.41 -24.87
CA GLY C 42 -2.80 2.70 -24.57
C GLY C 42 -2.43 4.08 -24.08
N SER C 43 -3.28 5.05 -24.39
CA SER C 43 -3.03 6.43 -23.95
C SER C 43 -3.50 6.60 -22.53
N GLN C 44 -4.14 5.55 -21.99
CA GLN C 44 -4.67 5.59 -20.62
C GLN C 44 -4.07 4.51 -19.78
N ARG C 45 -4.31 4.65 -18.48
CA ARG C 45 -3.82 3.70 -17.50
C ARG C 45 -4.35 2.29 -17.76
N ILE C 46 -3.44 1.32 -17.80
CA ILE C 46 -3.91 -0.05 -18.00
C ILE C 46 -4.23 -0.63 -16.62
N THR C 47 -5.46 -0.44 -16.16
CA THR C 47 -5.89 -0.95 -14.85
C THR C 47 -5.90 -2.48 -14.87
N THR C 48 -5.82 -3.10 -13.70
CA THR C 48 -5.86 -4.54 -13.61
C THR C 48 -7.24 -4.99 -14.07
N ALA C 49 -8.26 -4.19 -13.79
CA ALA C 49 -9.60 -4.58 -14.22
C ALA C 49 -9.61 -4.70 -15.76
N LYS C 50 -9.22 -3.63 -16.46
CA LYS C 50 -9.15 -3.64 -17.94
C LYS C 50 -8.26 -4.75 -18.52
N LEU C 51 -7.08 -4.93 -17.98
CA LEU C 51 -6.21 -5.97 -18.48
C LEU C 51 -6.85 -7.35 -18.27
N ALA C 52 -7.53 -7.53 -17.14
CA ALA C 52 -8.19 -8.81 -16.83
C ALA C 52 -9.30 -9.09 -17.86
N ALA C 53 -10.12 -8.10 -18.13
CA ALA C 53 -11.20 -8.22 -19.11
C ALA C 53 -10.60 -8.57 -20.48
N SER C 54 -9.48 -7.95 -20.79
CA SER C 54 -8.80 -8.17 -22.05
C SER C 54 -8.25 -9.59 -22.14
N VAL C 55 -7.74 -10.11 -21.03
CA VAL C 55 -7.20 -11.46 -21.06
C VAL C 55 -8.36 -12.47 -21.04
N GLY C 56 -9.51 -12.06 -20.51
CA GLY C 56 -10.65 -12.95 -20.41
C GLY C 56 -10.77 -13.61 -19.03
N VAL C 57 -9.84 -13.28 -18.13
CA VAL C 57 -9.84 -13.85 -16.78
C VAL C 57 -10.22 -12.84 -15.68
N SER C 58 -10.17 -13.25 -14.41
CA SER C 58 -10.47 -12.34 -13.32
C SER C 58 -9.15 -11.68 -12.91
N GLU C 59 -9.23 -10.61 -12.13
CA GLU C 59 -8.00 -9.93 -11.71
C GLU C 59 -7.15 -10.85 -10.86
N ALA C 60 -7.80 -11.70 -10.07
CA ALA C 60 -7.06 -12.61 -9.21
C ALA C 60 -6.22 -13.56 -10.07
N ALA C 61 -6.80 -14.02 -11.18
CA ALA C 61 -6.08 -14.92 -12.08
C ALA C 61 -4.74 -14.29 -12.48
N LEU C 62 -4.73 -12.97 -12.60
CA LEU C 62 -3.52 -12.25 -12.97
C LEU C 62 -2.42 -12.45 -11.93
N TYR C 63 -2.81 -12.43 -10.67
CA TYR C 63 -1.85 -12.58 -9.60
C TYR C 63 -1.32 -13.98 -9.36
N ARG C 64 -1.84 -14.97 -10.09
CA ARG C 64 -1.34 -16.33 -10.00
C ARG C 64 -0.09 -16.36 -10.88
N HIS C 65 0.14 -15.30 -11.66
CA HIS C 65 1.28 -15.27 -12.57
C HIS C 65 2.26 -14.13 -12.31
N PHE C 66 1.79 -13.07 -11.67
CA PHE C 66 2.67 -11.96 -11.36
C PHE C 66 2.33 -11.46 -9.98
N PRO C 67 3.35 -11.03 -9.26
CA PRO C 67 3.14 -10.51 -7.90
C PRO C 67 2.54 -9.11 -7.94
N SER C 68 2.84 -8.38 -9.01
CA SER C 68 2.35 -6.99 -9.19
C SER C 68 2.29 -6.64 -10.67
N LYS C 69 1.56 -5.58 -11.01
CA LYS C 69 1.49 -5.15 -12.41
C LYS C 69 2.90 -4.62 -12.77
N THR C 70 3.58 -4.03 -11.79
CA THR C 70 4.93 -3.55 -12.04
C THR C 70 5.79 -4.66 -12.67
N ARG C 71 5.57 -5.90 -12.25
CA ARG C 71 6.35 -7.00 -12.81
C ARG C 71 6.03 -7.29 -14.24
N MET C 72 4.79 -7.08 -14.65
CA MET C 72 4.45 -7.31 -16.06
C MET C 72 5.27 -6.31 -16.89
N PHE C 73 5.29 -5.02 -16.51
CA PHE C 73 6.08 -4.02 -17.24
C PHE C 73 7.55 -4.40 -17.20
N ASP C 74 8.03 -4.87 -16.06
CA ASP C 74 9.42 -5.34 -15.99
C ASP C 74 9.65 -6.46 -17.01
N SER C 75 8.71 -7.40 -17.14
CA SER C 75 8.88 -8.48 -18.12
C SER C 75 8.91 -7.93 -19.52
N LEU C 76 8.06 -6.96 -19.79
CA LEU C 76 8.01 -6.37 -21.13
C LEU C 76 9.31 -5.63 -21.47
N ILE C 77 9.87 -4.91 -20.50
CA ILE C 77 11.13 -4.20 -20.74
C ILE C 77 12.27 -5.20 -20.97
N GLU C 78 12.23 -6.33 -20.23
CA GLU C 78 13.25 -7.36 -20.39
C GLU C 78 13.24 -7.89 -21.82
N PHE C 79 12.03 -8.08 -22.33
CA PHE C 79 11.85 -8.54 -23.67
C PHE C 79 12.40 -7.52 -24.69
N ILE C 80 12.10 -6.24 -24.49
CA ILE C 80 12.57 -5.19 -25.39
C ILE C 80 14.10 -5.20 -25.37
N GLU C 81 14.66 -5.21 -24.16
CA GLU C 81 16.10 -5.24 -23.95
C GLU C 81 16.76 -6.39 -24.72
N ASP C 82 16.31 -7.61 -24.42
CA ASP C 82 16.85 -8.80 -25.06
C ASP C 82 16.75 -8.75 -26.56
N SER C 83 15.57 -8.42 -27.06
CA SER C 83 15.40 -8.41 -28.49
C SER C 83 16.41 -7.47 -29.11
N LEU C 84 16.48 -6.26 -28.59
CA LEU C 84 17.34 -5.27 -29.17
C LEU C 84 18.81 -5.59 -29.07
N ILE C 85 19.24 -5.96 -27.88
CA ILE C 85 20.64 -6.25 -27.67
C ILE C 85 21.09 -7.47 -28.45
N THR C 86 20.28 -8.51 -28.45
CA THR C 86 20.60 -9.75 -29.16
C THR C 86 20.73 -9.49 -30.65
N ARG C 87 19.86 -8.66 -31.19
CA ARG C 87 19.92 -8.40 -32.61
C ARG C 87 21.04 -7.46 -32.99
N ILE C 88 21.38 -6.55 -32.09
CA ILE C 88 22.47 -5.64 -32.40
C ILE C 88 23.74 -6.50 -32.48
N ASN C 89 23.93 -7.39 -31.51
CA ASN C 89 25.10 -8.27 -31.51
C ASN C 89 25.25 -9.08 -32.80
N LEU C 90 24.12 -9.59 -33.30
CA LEU C 90 24.08 -10.37 -34.52
C LEU C 90 24.50 -9.49 -35.67
N ILE C 91 23.98 -8.27 -35.69
CA ILE C 91 24.36 -7.35 -36.75
C ILE C 91 25.87 -7.16 -36.70
N LEU C 92 26.43 -6.99 -35.50
CA LEU C 92 27.88 -6.75 -35.44
C LEU C 92 28.72 -7.92 -35.94
N LYS C 93 28.16 -9.12 -35.92
CA LYS C 93 28.88 -10.29 -36.42
C LYS C 93 28.68 -10.56 -37.90
N ASP C 94 27.58 -10.06 -38.46
CA ASP C 94 27.22 -10.31 -39.86
C ASP C 94 27.66 -9.12 -40.75
N GLU C 95 27.84 -7.95 -40.16
CA GLU C 95 28.23 -6.79 -40.95
C GLU C 95 29.58 -6.20 -40.54
N LYS C 96 30.46 -6.12 -41.53
CA LYS C 96 31.82 -5.65 -41.33
C LYS C 96 31.93 -4.12 -41.43
N ASP C 97 31.24 -3.52 -42.39
CA ASP C 97 31.30 -2.07 -42.62
C ASP C 97 30.66 -1.25 -41.51
N THR C 98 31.38 -0.23 -41.04
CA THR C 98 30.90 0.65 -39.97
C THR C 98 29.60 1.38 -40.29
N THR C 99 29.54 2.01 -41.44
CA THR C 99 28.35 2.75 -41.82
C THR C 99 27.18 1.79 -41.98
N ALA C 100 27.43 0.63 -42.58
CA ALA C 100 26.38 -0.34 -42.76
C ALA C 100 25.88 -0.82 -41.40
N ARG C 101 26.80 -0.96 -40.43
CA ARG C 101 26.43 -1.40 -39.08
C ARG C 101 25.50 -0.38 -38.39
N LEU C 102 25.90 0.89 -38.50
CA LEU C 102 25.13 1.98 -37.97
C LEU C 102 23.73 1.99 -38.64
N ARG C 103 23.70 1.87 -39.97
CA ARG C 103 22.43 1.82 -40.70
C ARG C 103 21.50 0.70 -40.24
N LEU C 104 22.01 -0.52 -40.14
CA LEU C 104 21.21 -1.65 -39.68
C LEU C 104 20.74 -1.52 -38.25
N ILE C 105 21.57 -0.97 -37.37
CA ILE C 105 21.14 -0.81 -36.00
C ILE C 105 19.98 0.21 -35.87
N VAL C 106 20.07 1.31 -36.61
CA VAL C 106 19.03 2.32 -36.57
C VAL C 106 17.76 1.68 -37.18
N LEU C 107 17.92 0.98 -38.31
CA LEU C 107 16.80 0.31 -38.94
C LEU C 107 16.16 -0.71 -37.99
N LEU C 108 17.00 -1.42 -37.24
CA LEU C 108 16.49 -2.41 -36.30
C LEU C 108 15.63 -1.74 -35.21
N ILE C 109 16.16 -0.65 -34.65
CA ILE C 109 15.48 0.07 -33.59
C ILE C 109 14.11 0.52 -34.11
N LEU C 110 14.09 1.13 -35.29
CA LEU C 110 12.84 1.61 -35.87
C LEU C 110 11.89 0.45 -36.27
N GLY C 111 12.45 -0.62 -36.83
CA GLY C 111 11.67 -1.77 -37.26
C GLY C 111 11.04 -2.45 -36.06
N PHE C 112 11.84 -2.65 -35.02
CA PHE C 112 11.30 -3.23 -33.79
C PHE C 112 10.10 -2.41 -33.23
N GLY C 113 10.25 -1.09 -33.21
CA GLY C 113 9.20 -0.24 -32.70
C GLY C 113 7.96 -0.34 -33.56
N GLU C 114 8.15 -0.27 -34.86
CA GLU C 114 7.06 -0.37 -35.79
C GLU C 114 6.29 -1.69 -35.64
N ARG C 115 6.98 -2.80 -35.44
CA ARG C 115 6.22 -4.03 -35.29
C ARG C 115 5.76 -4.33 -33.87
N ASN C 116 6.12 -3.46 -32.92
CA ASN C 116 5.74 -3.58 -31.50
C ASN C 116 5.28 -2.19 -31.02
N PRO C 117 4.17 -1.68 -31.59
CA PRO C 117 3.64 -0.36 -31.23
C PRO C 117 3.40 -0.20 -29.73
N GLY C 118 2.72 -1.18 -29.14
CA GLY C 118 2.48 -1.16 -27.70
C GLY C 118 3.76 -1.02 -26.93
N LEU C 119 4.80 -1.81 -27.25
CA LEU C 119 6.09 -1.71 -26.54
C LEU C 119 6.84 -0.39 -26.82
N THR C 120 6.63 0.21 -28.00
CA THR C 120 7.26 1.47 -28.33
C THR C 120 6.71 2.52 -27.35
N ARG C 121 5.42 2.40 -27.02
CA ARG C 121 4.80 3.33 -26.04
C ARG C 121 5.50 3.28 -24.67
N ILE C 122 6.15 2.16 -24.38
CA ILE C 122 6.92 1.95 -23.16
C ILE C 122 8.31 2.58 -23.40
N LEU C 123 8.91 2.25 -24.56
CA LEU C 123 10.21 2.78 -24.93
C LEU C 123 10.21 4.33 -24.99
N THR C 124 9.12 4.97 -25.42
CA THR C 124 9.12 6.43 -25.42
C THR C 124 8.81 7.04 -24.02
N GLY C 125 8.50 6.17 -23.05
CA GLY C 125 8.20 6.60 -21.69
C GLY C 125 6.75 6.94 -21.35
N HIS C 126 5.91 7.08 -22.37
CA HIS C 126 4.51 7.42 -22.12
C HIS C 126 3.74 6.39 -21.31
N ALA C 127 3.87 5.11 -21.65
CA ALA C 127 3.14 4.06 -20.94
C ALA C 127 3.56 3.97 -19.47
N LEU C 128 4.80 4.34 -19.24
CA LEU C 128 5.38 4.28 -17.91
C LEU C 128 4.95 5.41 -16.98
N MET C 129 4.27 6.44 -17.49
CA MET C 129 3.83 7.55 -16.64
C MET C 129 2.94 7.11 -15.47
N PHE C 130 2.21 6.00 -15.64
CA PHE C 130 1.32 5.46 -14.61
C PHE C 130 2.00 4.46 -13.70
N GLU C 131 3.20 4.04 -14.05
CA GLU C 131 3.87 3.00 -13.28
C GLU C 131 5.09 3.49 -12.52
N GLN C 132 5.69 2.58 -11.76
CA GLN C 132 6.89 2.86 -10.96
C GLN C 132 8.01 3.60 -11.73
N ASP C 133 8.52 4.70 -11.15
CA ASP C 133 9.58 5.48 -11.78
C ASP C 133 10.78 4.62 -12.15
N ARG C 134 11.05 3.61 -11.34
CA ARG C 134 12.18 2.69 -11.56
C ARG C 134 12.17 2.13 -12.99
N LEU C 135 10.98 1.90 -13.55
CA LEU C 135 10.90 1.36 -14.88
C LEU C 135 11.49 2.33 -15.95
N GLN C 136 11.20 3.62 -15.80
CA GLN C 136 11.73 4.58 -16.76
C GLN C 136 13.25 4.52 -16.61
N GLY C 137 13.70 4.29 -15.38
CA GLY C 137 15.13 4.16 -15.16
C GLY C 137 15.69 3.01 -15.98
N ARG C 138 14.97 1.89 -16.05
CA ARG C 138 15.44 0.73 -16.83
C ARG C 138 15.52 1.09 -18.31
N ILE C 139 14.50 1.79 -18.81
CA ILE C 139 14.48 2.22 -20.19
C ILE C 139 15.66 3.15 -20.48
N ASN C 140 15.92 4.11 -19.59
CA ASN C 140 17.05 5.01 -19.79
C ASN C 140 18.36 4.21 -19.86
N GLN C 141 18.46 3.21 -19.00
CA GLN C 141 19.63 2.35 -18.98
C GLN C 141 19.79 1.68 -20.33
N LEU C 142 18.66 1.30 -20.94
CA LEU C 142 18.70 0.62 -22.23
C LEU C 142 19.20 1.56 -23.31
N PHE C 143 18.68 2.78 -23.30
CA PHE C 143 19.11 3.75 -24.28
C PHE C 143 20.57 4.02 -24.12
N GLU C 144 21.04 4.09 -22.86
CA GLU C 144 22.47 4.34 -22.60
C GLU C 144 23.28 3.15 -23.14
N ARG C 145 22.78 1.93 -22.95
CA ARG C 145 23.47 0.75 -23.47
C ARG C 145 23.59 0.82 -25.01
N ILE C 146 22.48 1.10 -25.69
CA ILE C 146 22.47 1.24 -27.14
C ILE C 146 23.44 2.33 -27.63
N GLU C 147 23.36 3.50 -27.01
CA GLU C 147 24.18 4.63 -27.39
C GLU C 147 25.68 4.32 -27.23
N VAL C 148 26.02 3.58 -26.17
CA VAL C 148 27.41 3.20 -25.90
C VAL C 148 27.92 2.21 -26.95
N GLN C 149 27.02 1.38 -27.46
CA GLN C 149 27.38 0.44 -28.51
C GLN C 149 27.64 1.20 -29.80
N LEU C 150 26.77 2.18 -30.09
CA LEU C 150 26.93 2.97 -31.32
C LEU C 150 28.25 3.70 -31.26
N ARG C 151 28.55 4.21 -30.08
CA ARG C 151 29.78 4.94 -29.86
C ARG C 151 30.94 3.97 -30.14
N GLN C 152 30.84 2.77 -29.57
CA GLN C 152 31.86 1.73 -29.77
C GLN C 152 32.01 1.36 -31.26
N VAL C 153 30.90 1.19 -31.97
CA VAL C 153 30.96 0.89 -33.39
C VAL C 153 31.70 2.03 -34.14
N MET C 154 31.35 3.27 -33.79
CA MET C 154 31.95 4.44 -34.43
C MET C 154 33.45 4.56 -34.19
N ARG C 155 33.88 4.21 -32.98
CA ARG C 155 35.29 4.28 -32.62
C ARG C 155 36.13 3.26 -33.36
N GLU C 156 35.48 2.22 -33.88
CA GLU C 156 36.17 1.16 -34.61
C GLU C 156 36.45 1.54 -36.05
N LYS C 157 35.77 2.56 -36.57
CA LYS C 157 35.95 2.91 -37.96
C LYS C 157 37.42 3.10 -38.31
N LYS C 158 38.16 3.78 -37.44
CA LYS C 158 39.58 4.04 -37.67
C LYS C 158 40.31 2.72 -37.96
N MET C 159 40.30 1.84 -36.96
CA MET C 159 40.96 0.55 -37.06
C MET C 159 40.56 -0.28 -38.26
N ARG C 160 39.26 -0.33 -38.51
CA ARG C 160 38.72 -1.12 -39.58
C ARG C 160 38.91 -0.58 -40.98
N GLU C 161 39.00 0.73 -41.12
CA GLU C 161 39.13 1.26 -42.45
C GLU C 161 40.07 2.44 -42.63
N GLY C 162 40.84 2.74 -41.60
CA GLY C 162 41.83 3.81 -41.68
C GLY C 162 41.40 5.16 -41.15
N GLU C 163 40.45 5.76 -41.84
CA GLU C 163 39.95 7.07 -41.45
C GLU C 163 38.75 6.99 -40.53
N GLY C 164 38.96 7.40 -39.29
CA GLY C 164 37.89 7.41 -38.31
C GLY C 164 37.04 8.66 -38.55
N TYR C 165 36.23 9.04 -37.58
CA TYR C 165 35.40 10.22 -37.75
C TYR C 165 36.10 11.48 -37.28
N THR C 166 35.84 12.58 -37.97
CA THR C 166 36.42 13.84 -37.60
C THR C 166 35.79 14.34 -36.33
N LEU C 167 34.47 14.16 -36.22
CA LEU C 167 33.75 14.63 -35.04
C LEU C 167 33.71 13.60 -33.92
N ASP C 168 33.47 14.08 -32.72
CA ASP C 168 33.39 13.26 -31.53
C ASP C 168 32.31 12.20 -31.65
N GLU C 169 32.65 10.96 -31.27
CA GLU C 169 31.71 9.83 -31.32
C GLU C 169 30.49 10.03 -30.42
N THR C 170 30.69 10.71 -29.30
CA THR C 170 29.58 10.96 -28.36
C THR C 170 28.53 11.86 -29.02
N LEU C 171 29.00 12.85 -29.76
CA LEU C 171 28.12 13.76 -30.47
C LEU C 171 27.44 12.97 -31.59
N LEU C 172 28.21 12.17 -32.32
CA LEU C 172 27.63 11.40 -33.41
C LEU C 172 26.61 10.37 -32.96
N ALA C 173 26.91 9.67 -31.87
CA ALA C 173 25.98 8.67 -31.40
C ALA C 173 24.70 9.28 -30.82
N SER C 174 24.82 10.42 -30.11
CA SER C 174 23.61 11.02 -29.53
C SER C 174 22.74 11.58 -30.64
N GLN C 175 23.42 11.97 -31.71
CA GLN C 175 22.77 12.49 -32.88
C GLN C 175 21.96 11.35 -33.55
N LEU C 176 22.53 10.15 -33.67
CA LEU C 176 21.78 9.02 -34.24
C LEU C 176 20.62 8.62 -33.34
N LEU C 177 20.88 8.55 -32.05
CA LEU C 177 19.85 8.19 -31.10
C LEU C 177 18.74 9.23 -31.07
N ALA C 178 19.07 10.51 -31.23
CA ALA C 178 18.02 11.54 -31.22
C ALA C 178 17.05 11.32 -32.37
N PHE C 179 17.57 10.95 -33.53
CA PHE C 179 16.76 10.67 -34.70
C PHE C 179 15.82 9.49 -34.40
N CYS C 180 16.36 8.43 -33.84
CA CYS C 180 15.54 7.27 -33.50
C CYS C 180 14.44 7.64 -32.52
N GLU C 181 14.82 8.33 -31.45
CA GLU C 181 13.83 8.71 -30.45
C GLU C 181 12.81 9.66 -31.05
N GLY C 182 13.24 10.50 -32.00
CA GLY C 182 12.35 11.42 -32.66
C GLY C 182 11.31 10.71 -33.52
N MET C 183 11.72 9.71 -34.27
CA MET C 183 10.78 8.94 -35.10
C MET C 183 9.82 8.13 -34.22
N LEU C 184 10.33 7.50 -33.16
CA LEU C 184 9.46 6.74 -32.27
C LEU C 184 8.46 7.67 -31.56
N SER C 185 8.90 8.85 -31.14
CA SER C 185 7.98 9.78 -30.48
C SER C 185 6.81 10.13 -31.40
N ARG C 186 7.11 10.35 -32.67
CA ARG C 186 6.10 10.70 -33.67
C ARG C 186 5.16 9.56 -33.92
N PHE C 187 5.72 8.37 -33.98
CA PHE C 187 4.95 7.16 -34.18
C PHE C 187 3.93 7.10 -33.04
N VAL C 188 4.40 7.30 -31.82
CA VAL C 188 3.50 7.28 -30.66
C VAL C 188 2.43 8.41 -30.72
N ARG C 189 2.86 9.69 -30.83
CA ARG C 189 1.96 10.88 -30.87
C ARG C 189 0.80 10.69 -31.80
N SER C 190 1.16 10.19 -32.98
CA SER C 190 0.23 10.02 -34.08
C SER C 190 -0.61 8.77 -33.98
N GLU C 191 -0.50 8.10 -32.85
CA GLU C 191 -1.26 6.89 -32.62
C GLU C 191 -0.93 5.86 -33.70
N PHE C 192 0.38 5.81 -33.93
CA PHE C 192 0.97 4.89 -34.86
C PHE C 192 0.74 5.07 -36.35
N LYS C 193 0.36 6.27 -36.77
CA LYS C 193 0.16 6.50 -38.19
C LYS C 193 1.46 6.83 -38.92
N TYR C 194 2.38 7.48 -38.23
CA TYR C 194 3.69 7.82 -38.83
C TYR C 194 4.64 6.69 -38.52
N ARG C 195 4.63 5.66 -39.38
CA ARG C 195 5.49 4.49 -39.19
C ARG C 195 6.94 4.94 -39.22
N PRO C 196 7.75 4.45 -38.28
CA PRO C 196 9.17 4.78 -38.16
C PRO C 196 10.00 4.42 -39.38
N THR C 197 9.65 3.35 -40.09
CA THR C 197 10.46 2.95 -41.24
C THR C 197 9.98 3.47 -42.56
N ASP C 198 8.91 4.24 -42.57
CA ASP C 198 8.46 4.78 -43.85
C ASP C 198 9.55 5.71 -44.40
N ASP C 199 9.95 5.48 -45.64
CA ASP C 199 10.98 6.30 -46.28
C ASP C 199 12.35 6.19 -45.63
N PHE C 200 12.59 5.05 -44.96
CA PHE C 200 13.88 4.83 -44.32
C PHE C 200 15.00 4.99 -45.35
N GLU C 201 14.83 4.33 -46.49
CA GLU C 201 15.82 4.42 -47.56
C GLU C 201 16.09 5.82 -48.04
N ALA C 202 15.08 6.69 -48.02
CA ALA C 202 15.32 8.07 -48.43
C ALA C 202 15.88 8.85 -47.24
N ARG C 203 15.52 8.46 -46.01
CA ARG C 203 16.01 9.16 -44.82
C ARG C 203 17.42 8.79 -44.38
N TRP C 204 17.80 7.53 -44.56
CA TRP C 204 19.09 7.15 -44.06
C TRP C 204 20.27 7.92 -44.63
N PRO C 205 20.35 8.06 -45.97
CA PRO C 205 21.48 8.79 -46.53
C PRO C 205 21.56 10.20 -45.90
N LEU C 206 20.42 10.77 -45.51
CA LEU C 206 20.49 12.11 -44.92
C LEU C 206 21.08 11.96 -43.53
N VAL C 207 20.67 10.89 -42.84
CA VAL C 207 21.14 10.67 -41.51
C VAL C 207 22.65 10.40 -41.58
N ALA C 208 23.06 9.56 -42.53
CA ALA C 208 24.48 9.20 -42.66
C ALA C 208 25.35 10.41 -42.99
N ALA C 209 24.75 11.39 -43.64
CA ALA C 209 25.40 12.63 -44.05
C ALA C 209 25.93 13.39 -42.82
N GLN C 210 25.38 13.06 -41.65
CA GLN C 210 25.78 13.64 -40.39
C GLN C 210 27.04 13.00 -39.80
N LEU C 211 27.30 11.77 -40.20
CA LEU C 211 28.44 11.04 -39.69
C LEU C 211 29.70 11.61 -40.28
N GLN C 212 30.29 12.57 -39.57
CA GLN C 212 31.49 13.24 -40.07
C GLN C 212 32.71 13.16 -39.15
N ASN D 24 -6.42 36.70 -13.17
CA ASN D 24 -5.22 36.97 -12.31
C ASN D 24 -4.95 35.74 -11.45
N ARG D 25 -6.00 35.19 -10.85
CA ARG D 25 -5.84 33.97 -10.06
C ARG D 25 -5.65 32.91 -11.12
N ARG D 26 -6.34 33.11 -12.24
CA ARG D 26 -6.29 32.22 -13.38
C ARG D 26 -4.81 32.08 -13.79
N GLU D 27 -4.07 33.18 -13.74
CA GLU D 27 -2.66 33.15 -14.10
C GLU D 27 -1.83 32.46 -13.03
N GLU D 28 -2.22 32.66 -11.77
CA GLU D 28 -1.51 32.06 -10.65
C GLU D 28 -1.57 30.54 -10.72
N ILE D 29 -2.76 30.02 -10.98
CA ILE D 29 -2.98 28.59 -11.09
C ILE D 29 -2.12 28.00 -12.23
N LEU D 30 -2.25 28.57 -13.43
CA LEU D 30 -1.49 28.12 -14.60
C LEU D 30 0.00 28.15 -14.32
N GLN D 31 0.47 29.23 -13.71
CA GLN D 31 1.87 29.37 -13.37
C GLN D 31 2.31 28.25 -12.41
N SER D 32 1.48 27.96 -11.39
CA SER D 32 1.77 26.92 -10.40
C SER D 32 1.73 25.55 -11.06
N LEU D 33 0.76 25.35 -11.95
CA LEU D 33 0.67 24.08 -12.63
C LEU D 33 2.00 23.86 -13.39
N ALA D 34 2.42 24.87 -14.14
CA ALA D 34 3.65 24.81 -14.91
C ALA D 34 4.85 24.49 -14.00
N LEU D 35 4.90 25.17 -12.86
CA LEU D 35 5.99 24.94 -11.90
C LEU D 35 5.98 23.50 -11.44
N MET D 36 4.77 22.98 -11.20
CA MET D 36 4.65 21.60 -10.75
C MET D 36 5.08 20.65 -11.87
N LEU D 37 4.65 20.94 -13.10
CA LEU D 37 5.06 20.13 -14.26
C LEU D 37 6.59 20.16 -14.35
N GLU D 38 7.19 21.27 -13.95
CA GLU D 38 8.65 21.39 -13.99
C GLU D 38 9.39 20.58 -12.90
N SER D 39 8.82 20.50 -11.70
CA SER D 39 9.46 19.77 -10.59
C SER D 39 9.55 18.26 -10.82
N SER D 40 10.23 17.59 -9.89
CA SER D 40 10.40 16.16 -9.93
C SER D 40 9.06 15.44 -9.79
N ASP D 41 8.01 16.22 -9.52
CA ASP D 41 6.66 15.70 -9.37
C ASP D 41 5.90 15.76 -10.70
N GLY D 42 6.50 16.44 -11.68
CA GLY D 42 5.87 16.54 -12.98
C GLY D 42 5.84 15.17 -13.64
N SER D 43 6.65 14.27 -13.10
CA SER D 43 6.81 12.88 -13.53
C SER D 43 5.55 12.04 -13.26
N GLN D 44 4.57 12.61 -12.59
CA GLN D 44 3.36 11.87 -12.31
C GLN D 44 2.17 12.80 -12.27
N ARG D 45 1.00 12.21 -12.17
CA ARG D 45 -0.22 12.97 -12.17
C ARG D 45 -0.22 14.16 -11.21
N ILE D 46 -0.71 15.30 -11.68
CA ILE D 46 -0.82 16.48 -10.85
C ILE D 46 -2.29 16.57 -10.42
N THR D 47 -2.56 16.15 -9.20
CA THR D 47 -3.90 16.13 -8.65
C THR D 47 -4.40 17.54 -8.39
N THR D 48 -5.72 17.72 -8.47
CA THR D 48 -6.31 19.03 -8.21
C THR D 48 -6.11 19.42 -6.73
N ALA D 49 -6.04 18.44 -5.84
CA ALA D 49 -5.86 18.78 -4.41
C ALA D 49 -4.52 19.45 -4.25
N LYS D 50 -3.50 18.77 -4.73
CA LYS D 50 -2.13 19.25 -4.68
C LYS D 50 -1.92 20.57 -5.43
N LEU D 51 -2.65 20.77 -6.52
CA LEU D 51 -2.53 21.99 -7.29
C LEU D 51 -3.13 23.14 -6.48
N ALA D 52 -4.32 22.88 -5.91
CA ALA D 52 -4.98 23.87 -5.08
C ALA D 52 -4.04 24.25 -3.91
N ALA D 53 -3.39 23.24 -3.34
CA ALA D 53 -2.45 23.47 -2.25
C ALA D 53 -1.36 24.43 -2.70
N SER D 54 -0.69 24.10 -3.78
CA SER D 54 0.38 24.95 -4.31
C SER D 54 -0.07 26.40 -4.36
N VAL D 55 -1.18 26.64 -5.05
CA VAL D 55 -1.76 27.98 -5.21
C VAL D 55 -2.03 28.65 -3.87
N GLY D 56 -3.06 28.18 -3.19
CA GLY D 56 -3.40 28.75 -1.90
C GLY D 56 -4.87 28.52 -1.68
N VAL D 57 -5.65 28.56 -2.75
CA VAL D 57 -7.09 28.36 -2.63
C VAL D 57 -7.44 26.90 -2.36
N SER D 58 -8.75 26.67 -2.21
CA SER D 58 -9.25 25.33 -1.98
C SER D 58 -9.44 24.71 -3.35
N GLU D 59 -9.82 23.44 -3.34
CA GLU D 59 -10.06 22.69 -4.57
C GLU D 59 -11.29 23.25 -5.29
N ALA D 60 -12.33 23.59 -4.54
CA ALA D 60 -13.55 24.13 -5.13
C ALA D 60 -13.29 25.51 -5.72
N ALA D 61 -12.40 26.29 -5.11
CA ALA D 61 -12.09 27.62 -5.61
C ALA D 61 -11.56 27.49 -7.03
N LEU D 62 -10.61 26.56 -7.18
CA LEU D 62 -9.96 26.26 -8.46
C LEU D 62 -10.99 26.14 -9.53
N TYR D 63 -12.09 25.46 -9.22
CA TYR D 63 -13.13 25.26 -10.20
C TYR D 63 -14.02 26.46 -10.47
N ARG D 64 -13.63 27.63 -9.98
CA ARG D 64 -14.41 28.82 -10.28
C ARG D 64 -13.67 29.62 -11.35
N HIS D 65 -12.45 29.15 -11.67
CA HIS D 65 -11.61 29.76 -12.69
C HIS D 65 -11.45 28.83 -13.90
N PHE D 66 -11.63 27.54 -13.65
CA PHE D 66 -11.49 26.52 -14.68
C PHE D 66 -12.55 25.44 -14.41
N PRO D 67 -13.35 25.09 -15.43
CA PRO D 67 -14.38 24.06 -15.25
C PRO D 67 -13.78 22.66 -15.15
N SER D 68 -12.52 22.53 -15.57
CA SER D 68 -11.86 21.25 -15.52
C SER D 68 -10.37 21.42 -15.52
N LYS D 69 -9.69 20.30 -15.31
CA LYS D 69 -8.25 20.29 -15.34
C LYS D 69 -7.84 20.36 -16.82
N THR D 70 -8.67 19.79 -17.69
CA THR D 70 -8.38 19.79 -19.10
C THR D 70 -8.25 21.22 -19.63
N ARG D 71 -9.09 22.12 -19.10
CA ARG D 71 -9.07 23.52 -19.50
C ARG D 71 -7.76 24.13 -19.11
N MET D 72 -7.23 23.73 -17.95
CA MET D 72 -5.96 24.27 -17.53
C MET D 72 -4.83 23.91 -18.52
N PHE D 73 -4.83 22.68 -19.03
CA PHE D 73 -3.79 22.29 -19.99
C PHE D 73 -4.00 22.94 -21.35
N ASP D 74 -5.27 23.16 -21.70
CA ASP D 74 -5.63 23.85 -22.94
C ASP D 74 -4.99 25.23 -22.88
N SER D 75 -5.07 25.87 -21.71
CA SER D 75 -4.50 27.20 -21.53
C SER D 75 -3.00 27.12 -21.68
N LEU D 76 -2.40 26.13 -21.04
CA LEU D 76 -0.95 25.96 -21.14
C LEU D 76 -0.54 25.67 -22.59
N ILE D 77 -1.36 24.90 -23.33
CA ILE D 77 -1.05 24.60 -24.72
C ILE D 77 -1.21 25.86 -25.58
N GLU D 78 -2.23 26.67 -25.30
CA GLU D 78 -2.38 27.89 -26.09
C GLU D 78 -1.14 28.77 -25.87
N PHE D 79 -0.67 28.84 -24.63
CA PHE D 79 0.52 29.62 -24.35
C PHE D 79 1.68 29.14 -25.22
N ILE D 80 1.97 27.83 -25.21
CA ILE D 80 3.07 27.27 -26.02
C ILE D 80 2.92 27.61 -27.50
N GLU D 81 1.71 27.44 -28.01
CA GLU D 81 1.45 27.73 -29.40
C GLU D 81 1.71 29.23 -29.71
N ASP D 82 1.15 30.14 -28.91
CA ASP D 82 1.38 31.55 -29.19
C ASP D 82 2.84 31.87 -29.19
N SER D 83 3.54 31.43 -28.14
CA SER D 83 4.97 31.69 -28.02
C SER D 83 5.71 31.25 -29.24
N LEU D 84 5.56 29.98 -29.60
CA LEU D 84 6.29 29.49 -30.75
C LEU D 84 5.91 30.08 -32.08
N ILE D 85 4.61 30.24 -32.33
CA ILE D 85 4.25 30.77 -33.63
C ILE D 85 4.66 32.25 -33.76
N THR D 86 4.49 33.00 -32.67
CA THR D 86 4.84 34.42 -32.65
C THR D 86 6.35 34.56 -32.91
N ARG D 87 7.15 33.72 -32.25
CA ARG D 87 8.59 33.82 -32.42
C ARG D 87 9.01 33.39 -33.82
N ILE D 88 8.33 32.40 -34.38
CA ILE D 88 8.67 31.96 -35.73
C ILE D 88 8.44 33.09 -36.73
N ASN D 89 7.28 33.76 -36.64
CA ASN D 89 7.00 34.89 -37.55
C ASN D 89 8.07 35.98 -37.43
N LEU D 90 8.45 36.29 -36.21
CA LEU D 90 9.50 37.29 -36.03
C LEU D 90 10.76 36.85 -36.78
N ILE D 91 11.15 35.57 -36.63
CA ILE D 91 12.35 35.03 -37.31
C ILE D 91 12.28 35.26 -38.82
N LEU D 92 11.14 34.92 -39.38
CA LEU D 92 10.95 35.03 -40.80
C LEU D 92 11.11 36.49 -41.28
N LYS D 93 10.65 37.44 -40.47
CA LYS D 93 10.79 38.83 -40.85
C LYS D 93 12.21 39.35 -40.61
N ASP D 94 12.92 38.79 -39.64
CA ASP D 94 14.27 39.28 -39.41
C ASP D 94 15.40 38.54 -40.16
N GLU D 95 15.11 37.40 -40.77
CA GLU D 95 16.15 36.63 -41.43
C GLU D 95 15.73 36.27 -42.85
N LYS D 96 16.55 36.58 -43.83
CA LYS D 96 16.22 36.32 -45.23
C LYS D 96 16.81 35.01 -45.75
N ASP D 97 17.90 34.55 -45.15
CA ASP D 97 18.53 33.33 -45.61
C ASP D 97 17.72 32.07 -45.21
N THR D 98 17.48 31.21 -46.19
CA THR D 98 16.70 30.02 -45.90
C THR D 98 17.27 29.10 -44.83
N THR D 99 18.54 28.75 -44.98
CA THR D 99 19.18 27.86 -44.01
C THR D 99 19.26 28.55 -42.63
N ALA D 100 19.45 29.87 -42.62
CA ALA D 100 19.54 30.61 -41.37
C ALA D 100 18.18 30.57 -40.69
N ARG D 101 17.14 30.62 -41.49
CA ARG D 101 15.78 30.58 -40.97
C ARG D 101 15.46 29.21 -40.31
N LEU D 102 15.87 28.13 -40.96
CA LEU D 102 15.63 26.80 -40.40
C LEU D 102 16.42 26.62 -39.08
N ARG D 103 17.66 27.07 -39.06
CA ARG D 103 18.47 26.99 -37.87
C ARG D 103 17.82 27.71 -36.68
N LEU D 104 17.38 28.95 -36.90
CA LEU D 104 16.75 29.71 -35.83
C LEU D 104 15.43 29.08 -35.36
N ILE D 105 14.63 28.55 -36.28
CA ILE D 105 13.40 27.94 -35.87
C ILE D 105 13.66 26.70 -34.98
N VAL D 106 14.65 25.89 -35.37
CA VAL D 106 15.01 24.72 -34.59
C VAL D 106 15.62 25.15 -33.25
N LEU D 107 16.50 26.13 -33.28
CA LEU D 107 17.07 26.60 -32.03
C LEU D 107 15.95 27.11 -31.12
N LEU D 108 14.98 27.84 -31.70
CA LEU D 108 13.88 28.39 -30.92
C LEU D 108 13.09 27.30 -30.23
N ILE D 109 12.81 26.24 -30.97
CA ILE D 109 12.04 25.15 -30.38
C ILE D 109 12.83 24.54 -29.24
N LEU D 110 14.10 24.27 -29.49
CA LEU D 110 14.96 23.67 -28.46
C LEU D 110 15.12 24.59 -27.24
N GLY D 111 15.33 25.87 -27.50
CA GLY D 111 15.49 26.83 -26.42
C GLY D 111 14.21 27.04 -25.64
N PHE D 112 13.08 27.06 -26.32
CA PHE D 112 11.82 27.22 -25.60
C PHE D 112 11.62 26.03 -24.67
N GLY D 113 11.87 24.84 -25.20
CA GLY D 113 11.71 23.66 -24.39
C GLY D 113 12.62 23.70 -23.20
N GLU D 114 13.88 24.05 -23.43
CA GLU D 114 14.84 24.10 -22.34
C GLU D 114 14.47 25.07 -21.18
N ARG D 115 14.01 26.27 -21.51
CA ARG D 115 13.65 27.27 -20.49
C ARG D 115 12.28 27.01 -19.84
N ASN D 116 11.55 26.03 -20.37
CA ASN D 116 10.21 25.68 -19.89
C ASN D 116 10.07 24.13 -19.76
N PRO D 117 10.87 23.50 -18.89
CA PRO D 117 10.84 22.03 -18.69
C PRO D 117 9.42 21.50 -18.51
N GLY D 118 8.66 22.16 -17.62
CA GLY D 118 7.29 21.75 -17.36
C GLY D 118 6.44 21.73 -18.61
N LEU D 119 6.55 22.74 -19.45
CA LEU D 119 5.78 22.78 -20.65
C LEU D 119 6.29 21.76 -21.68
N THR D 120 7.58 21.45 -21.65
CA THR D 120 8.13 20.48 -22.58
C THR D 120 7.46 19.11 -22.33
N ARG D 121 7.17 18.83 -21.05
CA ARG D 121 6.50 17.59 -20.63
C ARG D 121 5.13 17.53 -21.28
N ILE D 122 4.59 18.69 -21.66
CA ILE D 122 3.31 18.68 -22.37
C ILE D 122 3.61 18.47 -23.84
N LEU D 123 4.61 19.18 -24.34
CA LEU D 123 5.02 19.08 -25.74
C LEU D 123 5.40 17.65 -26.14
N THR D 124 6.06 16.92 -25.24
CA THR D 124 6.46 15.54 -25.53
C THR D 124 5.30 14.55 -25.30
N GLY D 125 4.19 15.00 -24.72
CA GLY D 125 3.05 14.13 -24.53
C GLY D 125 2.99 13.38 -23.21
N HIS D 126 4.07 13.37 -22.45
CA HIS D 126 4.08 12.66 -21.18
C HIS D 126 3.08 13.20 -20.16
N ALA D 127 3.06 14.53 -19.96
CA ALA D 127 2.16 15.12 -18.97
C ALA D 127 0.70 14.97 -19.39
N LEU D 128 0.46 14.74 -20.67
CA LEU D 128 -0.91 14.59 -21.18
C LEU D 128 -1.49 13.17 -20.99
N MET D 129 -0.64 12.23 -20.55
CA MET D 129 -1.07 10.86 -20.35
C MET D 129 -2.16 10.79 -19.27
N PHE D 130 -2.08 11.67 -18.30
CA PHE D 130 -3.05 11.70 -17.21
C PHE D 130 -4.30 12.49 -17.59
N GLU D 131 -4.25 13.16 -18.74
CA GLU D 131 -5.33 14.03 -19.17
C GLU D 131 -6.19 13.51 -20.33
N GLN D 132 -7.19 14.31 -20.71
CA GLN D 132 -8.09 13.97 -21.81
C GLN D 132 -7.28 13.85 -23.11
N ASP D 133 -7.59 12.86 -23.93
CA ASP D 133 -6.88 12.64 -25.19
C ASP D 133 -6.86 13.77 -26.21
N ARG D 134 -7.88 14.62 -26.23
CA ARG D 134 -7.92 15.70 -27.22
C ARG D 134 -6.77 16.68 -27.06
N LEU D 135 -6.23 16.78 -25.85
CA LEU D 135 -5.11 17.67 -25.64
C LEU D 135 -3.89 17.23 -26.49
N GLN D 136 -3.61 15.92 -26.57
CA GLN D 136 -2.47 15.45 -27.37
C GLN D 136 -2.72 15.81 -28.83
N GLY D 137 -3.98 15.66 -29.25
CA GLY D 137 -4.34 16.01 -30.61
C GLY D 137 -4.02 17.47 -30.88
N ARG D 138 -4.26 18.34 -29.90
CA ARG D 138 -3.95 19.76 -30.05
C ARG D 138 -2.45 19.92 -30.21
N ILE D 139 -1.66 19.11 -29.50
CA ILE D 139 -0.21 19.21 -29.63
C ILE D 139 0.16 18.74 -31.02
N ASN D 140 -0.45 17.67 -31.50
CA ASN D 140 -0.17 17.23 -32.84
C ASN D 140 -0.51 18.34 -33.86
N GLN D 141 -1.51 19.17 -33.57
CA GLN D 141 -1.79 20.24 -34.52
C GLN D 141 -0.66 21.29 -34.53
N LEU D 142 -0.11 21.62 -33.36
CA LEU D 142 1.00 22.59 -33.27
C LEU D 142 2.14 22.06 -34.12
N PHE D 143 2.51 20.79 -33.88
CA PHE D 143 3.59 20.18 -34.64
C PHE D 143 3.36 20.24 -36.15
N GLU D 144 2.15 19.94 -36.61
CA GLU D 144 1.85 19.98 -38.04
C GLU D 144 2.02 21.44 -38.52
N ARG D 145 1.53 22.37 -37.70
CA ARG D 145 1.65 23.79 -38.02
C ARG D 145 3.12 24.16 -38.20
N ILE D 146 3.94 23.77 -37.23
CA ILE D 146 5.36 24.05 -37.31
C ILE D 146 5.98 23.34 -38.51
N GLU D 147 5.60 22.09 -38.75
CA GLU D 147 6.18 21.39 -39.90
C GLU D 147 5.83 22.05 -41.23
N VAL D 148 4.58 22.53 -41.36
CA VAL D 148 4.15 23.19 -42.57
C VAL D 148 4.97 24.47 -42.81
N GLN D 149 5.28 25.21 -41.74
CA GLN D 149 6.08 26.44 -41.85
C GLN D 149 7.45 26.08 -42.35
N LEU D 150 8.02 25.07 -41.71
CA LEU D 150 9.35 24.58 -42.08
C LEU D 150 9.35 24.29 -43.60
N ARG D 151 8.30 23.63 -44.06
CA ARG D 151 8.13 23.29 -45.46
C ARG D 151 8.09 24.54 -46.35
N GLN D 152 7.31 25.54 -45.92
CA GLN D 152 7.16 26.80 -46.64
C GLN D 152 8.53 27.44 -46.77
N VAL D 153 9.24 27.62 -45.64
CA VAL D 153 10.58 28.20 -45.71
C VAL D 153 11.41 27.46 -46.75
N MET D 154 11.38 26.13 -46.74
CA MET D 154 12.13 25.35 -47.70
C MET D 154 11.72 25.57 -49.15
N ARG D 155 10.42 25.62 -49.41
CA ARG D 155 9.91 25.81 -50.77
C ARG D 155 10.32 27.14 -51.40
N GLU D 156 10.59 28.13 -50.55
CA GLU D 156 10.96 29.45 -51.05
C GLU D 156 12.43 29.57 -51.35
N LYS D 157 13.20 28.52 -51.12
CA LYS D 157 14.63 28.60 -51.38
C LYS D 157 14.96 28.91 -52.82
N LYS D 158 14.26 28.25 -53.75
CA LYS D 158 14.49 28.45 -55.17
C LYS D 158 14.32 29.91 -55.63
N MET D 159 13.17 30.50 -55.33
CA MET D 159 12.90 31.88 -55.75
C MET D 159 13.82 32.87 -55.08
N ARG D 160 14.13 32.58 -53.84
CA ARG D 160 14.99 33.43 -53.05
C ARG D 160 16.50 33.32 -53.34
N GLU D 161 17.02 32.11 -53.51
CA GLU D 161 18.46 31.99 -53.71
C GLU D 161 18.86 31.34 -55.00
N GLY D 162 17.86 30.95 -55.80
CA GLY D 162 18.16 30.32 -57.06
C GLY D 162 17.69 28.88 -57.08
N GLU D 163 18.55 27.98 -56.60
CA GLU D 163 18.19 26.56 -56.61
C GLU D 163 17.63 26.09 -55.28
N GLY D 164 16.59 25.25 -55.38
CA GLY D 164 15.97 24.69 -54.23
C GLY D 164 16.70 23.42 -53.82
N TYR D 165 16.01 22.60 -53.04
CA TYR D 165 16.55 21.35 -52.55
C TYR D 165 16.24 20.23 -53.55
N THR D 166 17.10 19.23 -53.61
CA THR D 166 16.87 18.12 -54.52
C THR D 166 15.78 17.20 -53.99
N LEU D 167 15.76 17.05 -52.66
CA LEU D 167 14.81 16.20 -51.99
C LEU D 167 13.48 16.88 -51.72
N ASP D 168 12.47 16.07 -51.45
CA ASP D 168 11.15 16.61 -51.16
C ASP D 168 11.17 17.36 -49.81
N GLU D 169 10.57 18.56 -49.77
CA GLU D 169 10.52 19.39 -48.57
C GLU D 169 9.80 18.66 -47.45
N THR D 170 8.83 17.82 -47.80
CA THR D 170 8.12 17.04 -46.79
C THR D 170 9.07 16.08 -46.04
N LEU D 171 10.01 15.47 -46.77
CA LEU D 171 11.02 14.58 -46.18
C LEU D 171 11.95 15.45 -45.31
N LEU D 172 12.49 16.54 -45.87
CA LEU D 172 13.41 17.41 -45.11
C LEU D 172 12.77 18.05 -43.86
N ALA D 173 11.54 18.53 -43.96
CA ALA D 173 10.91 19.14 -42.80
C ALA D 173 10.63 18.12 -41.70
N SER D 174 10.14 16.93 -42.05
CA SER D 174 9.90 15.93 -40.99
C SER D 174 11.23 15.49 -40.36
N GLN D 175 12.29 15.41 -41.16
CA GLN D 175 13.62 15.07 -40.68
C GLN D 175 14.02 16.11 -39.62
N LEU D 176 13.73 17.38 -39.88
CA LEU D 176 14.05 18.44 -38.94
C LEU D 176 13.21 18.31 -37.67
N LEU D 177 11.89 18.12 -37.82
CA LEU D 177 11.06 17.96 -36.63
C LEU D 177 11.49 16.72 -35.82
N ALA D 178 11.85 15.63 -36.51
CA ALA D 178 12.26 14.41 -35.81
C ALA D 178 13.44 14.71 -34.90
N PHE D 179 14.39 15.50 -35.41
CA PHE D 179 15.54 15.88 -34.59
C PHE D 179 15.09 16.67 -33.35
N CYS D 180 14.15 17.60 -33.55
CA CYS D 180 13.62 18.38 -32.44
C CYS D 180 12.90 17.52 -31.41
N GLU D 181 11.98 16.67 -31.88
CA GLU D 181 11.24 15.82 -30.97
C GLU D 181 12.18 14.87 -30.23
N GLY D 182 13.19 14.36 -30.93
CA GLY D 182 14.13 13.47 -30.28
C GLY D 182 14.92 14.15 -29.17
N MET D 183 15.33 15.39 -29.43
CA MET D 183 16.06 16.16 -28.45
C MET D 183 15.19 16.46 -27.24
N LEU D 184 13.91 16.79 -27.46
CA LEU D 184 13.01 17.09 -26.35
C LEU D 184 12.68 15.83 -25.56
N SER D 185 12.42 14.73 -26.27
CA SER D 185 12.15 13.45 -25.64
C SER D 185 13.27 13.07 -24.66
N ARG D 186 14.52 13.21 -25.12
CA ARG D 186 15.71 12.91 -24.27
C ARG D 186 15.76 13.87 -23.07
N PHE D 187 15.47 15.15 -23.31
CA PHE D 187 15.48 16.15 -22.24
C PHE D 187 14.54 15.64 -21.15
N VAL D 188 13.34 15.20 -21.53
CA VAL D 188 12.39 14.67 -20.56
C VAL D 188 12.80 13.35 -19.85
N ARG D 189 13.24 12.35 -20.61
CA ARG D 189 13.65 11.05 -20.08
C ARG D 189 14.65 11.19 -18.94
N SER D 190 15.61 12.05 -19.21
CA SER D 190 16.74 12.29 -18.36
C SER D 190 16.44 13.21 -17.20
N GLU D 191 15.16 13.43 -16.94
CA GLU D 191 14.78 14.31 -15.83
C GLU D 191 15.45 15.67 -16.02
N PHE D 192 15.43 16.13 -17.29
CA PHE D 192 15.98 17.42 -17.69
C PHE D 192 17.48 17.59 -17.61
N LYS D 193 18.24 16.50 -17.55
CA LYS D 193 19.71 16.61 -17.49
C LYS D 193 20.29 16.81 -18.89
N TYR D 194 19.62 16.28 -19.91
CA TYR D 194 20.13 16.43 -21.27
C TYR D 194 19.44 17.58 -21.93
N ARG D 195 19.96 18.79 -21.67
CA ARG D 195 19.41 20.02 -22.22
C ARG D 195 19.46 20.01 -23.76
N PRO D 196 18.33 20.34 -24.39
CA PRO D 196 18.16 20.40 -25.85
C PRO D 196 19.17 21.22 -26.63
N THR D 197 19.59 22.37 -26.10
CA THR D 197 20.52 23.22 -26.86
C THR D 197 21.97 22.91 -26.57
N ASP D 198 22.21 21.90 -25.74
CA ASP D 198 23.58 21.55 -25.48
C ASP D 198 24.25 21.16 -26.83
N ASP D 199 25.36 21.81 -27.13
CA ASP D 199 26.12 21.53 -28.34
C ASP D 199 25.38 21.85 -29.62
N PHE D 200 24.38 22.70 -29.50
CA PHE D 200 23.62 23.07 -30.67
C PHE D 200 24.49 23.46 -31.86
N GLU D 201 25.49 24.32 -31.62
CA GLU D 201 26.39 24.80 -32.66
C GLU D 201 27.18 23.71 -33.30
N ALA D 202 27.40 22.64 -32.56
CA ALA D 202 28.17 21.51 -33.07
C ALA D 202 27.19 20.58 -33.79
N ARG D 203 25.94 20.54 -33.33
CA ARG D 203 24.93 19.67 -33.95
C ARG D 203 24.28 20.22 -35.20
N TRP D 204 24.00 21.53 -35.21
CA TRP D 204 23.33 22.13 -36.35
C TRP D 204 23.96 21.91 -37.71
N PRO D 205 25.30 22.03 -37.82
CA PRO D 205 25.89 21.80 -39.14
C PRO D 205 25.61 20.36 -39.60
N LEU D 206 25.50 19.43 -38.64
CA LEU D 206 25.22 18.03 -38.96
C LEU D 206 23.79 17.88 -39.46
N VAL D 207 22.87 18.55 -38.77
CA VAL D 207 21.45 18.52 -39.16
C VAL D 207 21.30 19.18 -40.54
N ALA D 208 22.05 20.25 -40.75
CA ALA D 208 22.01 21.01 -42.00
C ALA D 208 22.56 20.21 -43.17
N ALA D 209 23.41 19.23 -42.88
CA ALA D 209 23.98 18.43 -43.95
C ALA D 209 22.89 17.54 -44.55
N GLN D 210 21.77 17.41 -43.85
CA GLN D 210 20.62 16.61 -44.29
C GLN D 210 19.77 17.38 -45.30
N LEU D 211 19.93 18.70 -45.30
CA LEU D 211 19.18 19.57 -46.19
C LEU D 211 19.77 19.56 -47.59
N GLN D 212 19.41 18.54 -48.39
CA GLN D 212 19.95 18.41 -49.75
C GLN D 212 18.93 18.58 -50.89
#